data_6GFT
#
_entry.id   6GFT
#
_entity_poly.entity_id   1
_entity_poly.type   'polypeptide(L)'
_entity_poly.pdbx_seq_one_letter_code
;ECKGFGKSCVPGKNECCSGLTCSNKHKWCKVLL(NH2)
;
_entity_poly.pdbx_strand_id   A
#
loop_
_chem_comp.id
_chem_comp.type
_chem_comp.name
_chem_comp.formula
NH2 non-polymer 'AMINO GROUP' 'H2 N'
#
# COMPACT_ATOMS: atom_id res chain seq x y z
N GLU A 1 -0.56 7.61 10.38
CA GLU A 1 0.65 6.84 10.02
C GLU A 1 0.39 6.02 8.75
N CYS A 2 1.25 6.24 7.74
CA CYS A 2 1.21 5.54 6.46
C CYS A 2 1.47 4.03 6.63
N LYS A 3 0.79 3.24 5.79
CA LYS A 3 0.90 1.78 5.79
C LYS A 3 2.20 1.35 5.12
N GLY A 4 3.07 0.67 5.88
CA GLY A 4 4.33 0.15 5.41
C GLY A 4 4.16 -1.07 4.51
N PHE A 5 5.29 -1.62 4.05
CA PHE A 5 5.37 -2.71 3.11
C PHE A 5 4.73 -3.99 3.68
N GLY A 6 3.75 -4.52 2.94
CA GLY A 6 3.01 -5.72 3.27
C GLY A 6 2.02 -5.49 4.41
N LYS A 7 1.35 -4.33 4.42
CA LYS A 7 0.31 -3.98 5.39
C LYS A 7 -0.96 -3.55 4.66
N SER A 8 -2.10 -4.02 5.19
CA SER A 8 -3.41 -3.93 4.57
C SER A 8 -3.84 -2.46 4.43
N CYS A 9 -3.98 -2.02 3.18
CA CYS A 9 -4.31 -0.64 2.83
C CYS A 9 -5.81 -0.34 2.97
N VAL A 10 -6.12 0.95 2.89
CA VAL A 10 -7.40 1.47 2.43
C VAL A 10 -7.45 1.25 0.91
N PRO A 11 -8.42 0.48 0.37
CA PRO A 11 -8.64 0.33 -1.07
C PRO A 11 -8.89 1.70 -1.73
N GLY A 12 -7.83 2.24 -2.32
CA GLY A 12 -7.76 3.57 -2.90
C GLY A 12 -6.33 4.13 -2.95
N LYS A 13 -5.35 3.40 -2.37
CA LYS A 13 -3.95 3.81 -2.22
C LYS A 13 -3.83 5.08 -1.37
N ASN A 14 -4.80 5.27 -0.45
CA ASN A 14 -4.92 6.45 0.40
C ASN A 14 -3.87 6.46 1.52
N GLU A 15 -3.29 5.31 1.87
CA GLU A 15 -2.47 5.13 3.06
C GLU A 15 -1.01 4.78 2.78
N CYS A 16 -0.70 3.96 1.75
CA CYS A 16 0.62 3.40 1.55
C CYS A 16 1.70 4.48 1.47
N CYS A 17 2.83 4.26 2.18
CA CYS A 17 3.94 5.20 2.32
C CYS A 17 4.63 5.53 0.99
N SER A 18 5.56 6.50 1.04
CA SER A 18 6.40 6.90 -0.08
C SER A 18 7.31 5.74 -0.52
N GLY A 19 7.02 5.22 -1.72
CA GLY A 19 7.71 4.09 -2.34
C GLY A 19 6.89 2.80 -2.29
N LEU A 20 5.56 2.92 -2.14
CA LEU A 20 4.60 1.83 -2.06
C LEU A 20 3.33 2.20 -2.84
N THR A 21 2.56 1.17 -3.19
CA THR A 21 1.31 1.26 -3.94
C THR A 21 0.49 0.00 -3.65
N CYS A 22 -0.79 0.17 -3.28
CA CYS A 22 -1.63 -0.93 -2.89
C CYS A 22 -2.04 -1.79 -4.09
N SER A 23 -1.73 -3.09 -4.00
CA SER A 23 -2.12 -4.15 -4.92
C SER A 23 -3.66 -4.22 -5.05
N ASN A 24 -4.13 -4.47 -6.29
CA ASN A 24 -5.51 -4.78 -6.57
C ASN A 24 -5.90 -6.15 -5.97
N LYS A 25 -5.08 -7.18 -6.23
CA LYS A 25 -5.32 -8.55 -5.80
C LYS A 25 -5.23 -8.69 -4.29
N HIS A 26 -4.05 -8.42 -3.71
CA HIS A 26 -3.73 -8.67 -2.31
C HIS A 26 -4.39 -7.68 -1.35
N LYS A 27 -4.71 -6.46 -1.82
CA LYS A 27 -5.14 -5.31 -1.02
C LYS A 27 -4.16 -5.05 0.14
N TRP A 28 -2.87 -5.02 -0.18
CA TRP A 28 -1.79 -4.59 0.71
C TRP A 28 -0.76 -3.75 -0.05
N CYS A 29 0.02 -2.96 0.69
CA CYS A 29 1.07 -2.11 0.13
C CYS A 29 2.22 -2.97 -0.39
N LYS A 30 2.70 -2.65 -1.60
CA LYS A 30 3.85 -3.30 -2.22
C LYS A 30 4.64 -2.32 -3.08
N VAL A 31 5.94 -2.58 -3.24
CA VAL A 31 6.94 -1.61 -3.68
C VAL A 31 6.62 -1.03 -5.07
N LEU A 32 6.35 0.27 -5.09
CA LEU A 32 6.17 1.10 -6.29
C LEU A 32 7.45 1.15 -7.12
N LEU A 33 8.54 1.48 -6.44
CA LEU A 33 9.87 1.71 -6.99
C LEU A 33 10.47 0.40 -7.51
N NH2 A 34 10.64 0.29 -8.83
HN1 NH2 A 34 10.38 1.05 -9.44
HN2 NH2 A 34 11.02 -0.57 -9.23
N GLU A 1 -0.56 7.68 10.31
CA GLU A 1 0.66 7.55 9.49
C GLU A 1 0.49 6.51 8.37
N CYS A 2 1.38 6.60 7.37
CA CYS A 2 1.37 5.74 6.19
C CYS A 2 1.67 4.28 6.53
N LYS A 3 1.05 3.36 5.78
CA LYS A 3 1.21 1.92 5.93
C LYS A 3 2.49 1.45 5.22
N GLY A 4 3.31 0.67 5.94
CA GLY A 4 4.52 0.05 5.43
C GLY A 4 4.22 -1.15 4.54
N PHE A 5 5.28 -1.73 3.96
CA PHE A 5 5.25 -2.81 3.02
C PHE A 5 4.64 -4.08 3.62
N GLY A 6 3.66 -4.63 2.91
CA GLY A 6 2.94 -5.84 3.28
C GLY A 6 1.98 -5.61 4.46
N LYS A 7 1.32 -4.44 4.51
CA LYS A 7 0.30 -4.12 5.49
C LYS A 7 -0.99 -3.69 4.80
N SER A 8 -2.12 -4.10 5.40
CA SER A 8 -3.47 -3.90 4.88
C SER A 8 -3.79 -2.41 4.74
N CYS A 9 -4.22 -2.02 3.54
CA CYS A 9 -4.46 -0.64 3.16
C CYS A 9 -5.95 -0.28 3.17
N VAL A 10 -6.22 1.01 2.97
CA VAL A 10 -7.48 1.52 2.46
C VAL A 10 -7.54 1.14 0.97
N PRO A 11 -8.64 0.52 0.48
CA PRO A 11 -8.78 0.11 -0.91
C PRO A 11 -9.10 1.32 -1.82
N GLY A 12 -8.05 2.10 -2.07
CA GLY A 12 -8.03 3.25 -2.96
C GLY A 12 -6.69 3.98 -2.96
N LYS A 13 -5.61 3.32 -2.51
CA LYS A 13 -4.25 3.83 -2.40
C LYS A 13 -4.23 5.16 -1.61
N ASN A 14 -4.70 5.11 -0.36
CA ASN A 14 -4.83 6.27 0.52
C ASN A 14 -4.03 6.10 1.83
N GLU A 15 -3.21 5.06 1.95
CA GLU A 15 -2.38 4.79 3.12
C GLU A 15 -0.91 4.62 2.75
N CYS A 16 -0.58 3.70 1.82
CA CYS A 16 0.77 3.19 1.61
C CYS A 16 1.79 4.31 1.36
N CYS A 17 2.96 4.22 2.02
CA CYS A 17 4.00 5.24 2.08
C CYS A 17 4.60 5.57 0.70
N SER A 18 5.48 6.59 0.68
CA SER A 18 6.24 7.01 -0.48
C SER A 18 7.28 5.95 -0.84
N GLY A 19 7.01 5.22 -1.94
CA GLY A 19 7.77 4.06 -2.41
C GLY A 19 6.94 2.78 -2.36
N LEU A 20 5.63 2.89 -2.12
CA LEU A 20 4.66 1.81 -2.02
C LEU A 20 3.36 2.20 -2.76
N THR A 21 2.53 1.19 -3.03
CA THR A 21 1.26 1.30 -3.74
C THR A 21 0.46 0.02 -3.45
N CYS A 22 -0.81 0.18 -3.02
CA CYS A 22 -1.62 -0.96 -2.62
C CYS A 22 -2.05 -1.79 -3.83
N SER A 23 -1.69 -3.08 -3.81
CA SER A 23 -2.02 -4.09 -4.82
C SER A 23 -3.53 -4.14 -5.08
N ASN A 24 -3.90 -4.19 -6.37
CA ASN A 24 -5.28 -4.36 -6.81
C ASN A 24 -5.85 -5.69 -6.31
N LYS A 25 -5.10 -6.79 -6.50
CA LYS A 25 -5.48 -8.15 -6.14
C LYS A 25 -5.45 -8.35 -4.62
N HIS A 26 -4.25 -8.23 -4.02
CA HIS A 26 -3.98 -8.64 -2.65
C HIS A 26 -4.48 -7.63 -1.59
N LYS A 27 -4.64 -6.36 -1.98
CA LYS A 27 -4.97 -5.23 -1.10
C LYS A 27 -4.08 -5.18 0.14
N TRP A 28 -2.76 -5.17 -0.10
CA TRP A 28 -1.74 -4.73 0.83
C TRP A 28 -0.65 -3.95 0.07
N CYS A 29 0.13 -3.16 0.81
CA CYS A 29 1.18 -2.31 0.23
C CYS A 29 2.26 -3.16 -0.45
N LYS A 30 2.64 -2.76 -1.68
CA LYS A 30 3.69 -3.38 -2.47
C LYS A 30 4.58 -2.31 -3.11
N VAL A 31 5.84 -2.65 -3.34
CA VAL A 31 6.90 -1.73 -3.72
C VAL A 31 6.64 -1.08 -5.09
N LEU A 32 6.31 0.21 -5.07
CA LEU A 32 6.28 1.09 -6.23
C LEU A 32 7.72 1.34 -6.71
N LEU A 33 8.52 1.91 -5.80
CA LEU A 33 9.94 2.23 -5.99
C LEU A 33 10.69 1.87 -4.71
N NH2 A 34 11.71 1.01 -4.83
HN1 NH2 A 34 11.95 0.63 -5.73
HN2 NH2 A 34 12.24 0.74 -4.02
N GLU A 1 -0.49 8.15 10.13
CA GLU A 1 0.55 7.13 9.97
C GLU A 1 0.30 6.32 8.70
N CYS A 2 1.24 6.42 7.75
CA CYS A 2 1.23 5.69 6.49
C CYS A 2 1.43 4.18 6.72
N LYS A 3 0.81 3.38 5.85
CA LYS A 3 0.86 1.92 5.91
C LYS A 3 2.16 1.42 5.27
N GLY A 4 2.97 0.70 6.05
CA GLY A 4 4.24 0.14 5.62
C GLY A 4 4.07 -1.01 4.63
N PHE A 5 5.20 -1.54 4.15
CA PHE A 5 5.30 -2.60 3.18
C PHE A 5 4.70 -3.90 3.72
N GLY A 6 3.63 -4.37 3.05
CA GLY A 6 2.90 -5.60 3.37
C GLY A 6 1.63 -5.37 4.22
N LYS A 7 1.42 -4.14 4.72
CA LYS A 7 0.26 -3.79 5.55
C LYS A 7 -0.98 -3.58 4.66
N SER A 8 -2.10 -4.18 5.07
CA SER A 8 -3.39 -4.09 4.39
C SER A 8 -3.88 -2.64 4.36
N CYS A 9 -4.03 -2.11 3.14
CA CYS A 9 -4.32 -0.70 2.87
C CYS A 9 -5.81 -0.36 2.98
N VAL A 10 -6.08 0.95 2.86
CA VAL A 10 -7.37 1.50 2.44
C VAL A 10 -7.50 1.22 0.93
N PRO A 11 -8.63 0.68 0.44
CA PRO A 11 -8.88 0.45 -0.98
C PRO A 11 -9.07 1.78 -1.73
N GLY A 12 -7.93 2.33 -2.17
CA GLY A 12 -7.83 3.59 -2.89
C GLY A 12 -6.42 4.18 -2.88
N LYS A 13 -5.40 3.42 -2.43
CA LYS A 13 -3.99 3.83 -2.30
C LYS A 13 -3.83 5.10 -1.46
N ASN A 14 -4.72 5.26 -0.46
CA ASN A 14 -4.82 6.46 0.36
C ASN A 14 -3.75 6.52 1.47
N GLU A 15 -3.17 5.36 1.83
CA GLU A 15 -2.37 5.22 3.04
C GLU A 15 -0.90 4.86 2.79
N CYS A 16 -0.60 3.99 1.80
CA CYS A 16 0.73 3.39 1.65
C CYS A 16 1.85 4.44 1.56
N CYS A 17 2.94 4.20 2.32
CA CYS A 17 4.07 5.12 2.49
C CYS A 17 4.82 5.41 1.17
N SER A 18 5.81 6.30 1.24
CA SER A 18 6.68 6.69 0.14
C SER A 18 7.47 5.48 -0.39
N GLY A 19 7.18 5.10 -1.64
CA GLY A 19 7.79 3.99 -2.36
C GLY A 19 6.93 2.73 -2.29
N LEU A 20 5.61 2.89 -2.12
CA LEU A 20 4.62 1.82 -2.05
C LEU A 20 3.35 2.23 -2.80
N THR A 21 2.57 1.22 -3.19
CA THR A 21 1.31 1.35 -3.92
C THR A 21 0.48 0.08 -3.66
N CYS A 22 -0.79 0.24 -3.29
CA CYS A 22 -1.62 -0.88 -2.89
C CYS A 22 -2.08 -1.71 -4.10
N SER A 23 -1.77 -3.00 -4.05
CA SER A 23 -2.21 -4.03 -4.99
C SER A 23 -3.74 -4.10 -5.06
N ASN A 24 -4.26 -4.48 -6.23
CA ASN A 24 -5.65 -4.84 -6.44
C ASN A 24 -5.94 -6.24 -5.86
N LYS A 25 -5.09 -7.22 -6.19
CA LYS A 25 -5.26 -8.64 -5.86
C LYS A 25 -5.09 -8.85 -4.36
N HIS A 26 -3.86 -8.70 -3.85
CA HIS A 26 -3.49 -8.90 -2.45
C HIS A 26 -4.18 -7.92 -1.50
N LYS A 27 -4.48 -6.71 -1.99
CA LYS A 27 -4.96 -5.57 -1.21
C LYS A 27 -4.06 -5.28 0.00
N TRP A 28 -2.76 -5.14 -0.28
CA TRP A 28 -1.76 -4.60 0.63
C TRP A 28 -0.75 -3.74 -0.11
N CYS A 29 0.03 -2.97 0.66
CA CYS A 29 1.09 -2.11 0.15
C CYS A 29 2.23 -2.97 -0.39
N LYS A 30 2.66 -2.68 -1.62
CA LYS A 30 3.82 -3.30 -2.28
C LYS A 30 4.59 -2.29 -3.12
N VAL A 31 5.88 -2.54 -3.30
CA VAL A 31 6.88 -1.59 -3.78
C VAL A 31 6.50 -0.99 -5.15
N LEU A 32 6.28 0.33 -5.15
CA LEU A 32 6.02 1.15 -6.33
C LEU A 32 7.23 1.13 -7.27
N LEU A 33 8.38 1.58 -6.74
CA LEU A 33 9.62 1.82 -7.47
C LEU A 33 10.42 0.52 -7.57
N NH2 A 34 10.30 -0.19 -8.69
HN1 NH2 A 34 9.70 0.15 -9.43
HN2 NH2 A 34 10.80 -1.05 -8.81
N GLU A 1 -0.54 7.88 10.31
CA GLU A 1 0.63 7.04 10.02
C GLU A 1 0.38 6.18 8.78
N CYS A 2 1.26 6.35 7.78
CA CYS A 2 1.21 5.62 6.51
C CYS A 2 1.44 4.11 6.72
N LYS A 3 0.76 3.30 5.90
CA LYS A 3 0.83 1.85 5.94
C LYS A 3 2.13 1.38 5.27
N GLY A 4 2.98 0.71 6.05
CA GLY A 4 4.26 0.17 5.61
C GLY A 4 4.09 -1.07 4.72
N PHE A 5 5.23 -1.57 4.22
CA PHE A 5 5.34 -2.65 3.28
C PHE A 5 4.75 -3.94 3.84
N GLY A 6 3.74 -4.46 3.14
CA GLY A 6 3.02 -5.68 3.48
C GLY A 6 1.98 -5.49 4.58
N LYS A 7 1.30 -4.32 4.58
CA LYS A 7 0.18 -4.02 5.46
C LYS A 7 -1.06 -3.68 4.64
N SER A 8 -2.21 -4.18 5.10
CA SER A 8 -3.50 -4.05 4.44
C SER A 8 -3.92 -2.58 4.39
N CYS A 9 -4.05 -2.06 3.16
CA CYS A 9 -4.34 -0.66 2.89
C CYS A 9 -5.85 -0.35 2.97
N VAL A 10 -6.13 0.96 2.90
CA VAL A 10 -7.41 1.50 2.47
C VAL A 10 -7.50 1.25 0.96
N PRO A 11 -8.60 0.63 0.44
CA PRO A 11 -8.78 0.36 -0.98
C PRO A 11 -8.99 1.67 -1.76
N GLY A 12 -7.87 2.23 -2.22
CA GLY A 12 -7.77 3.47 -2.98
C GLY A 12 -6.38 4.10 -2.88
N LYS A 13 -5.37 3.38 -2.35
CA LYS A 13 -3.98 3.81 -2.20
C LYS A 13 -3.85 5.09 -1.35
N ASN A 14 -4.80 5.29 -0.43
CA ASN A 14 -4.90 6.51 0.38
C ASN A 14 -3.92 6.53 1.55
N GLU A 15 -3.31 5.38 1.90
CA GLU A 15 -2.51 5.22 3.12
C GLU A 15 -1.06 4.83 2.86
N CYS A 16 -0.75 3.99 1.86
CA CYS A 16 0.58 3.41 1.68
C CYS A 16 1.66 4.49 1.57
N CYS A 17 2.79 4.26 2.26
CA CYS A 17 3.91 5.22 2.39
C CYS A 17 4.55 5.60 1.06
N SER A 18 5.42 6.61 1.11
CA SER A 18 6.15 7.15 -0.04
C SER A 18 7.19 6.14 -0.56
N GLY A 19 6.82 5.46 -1.66
CA GLY A 19 7.58 4.39 -2.30
C GLY A 19 6.67 3.20 -2.62
N LEU A 20 5.64 3.01 -1.77
CA LEU A 20 4.66 1.93 -1.84
C LEU A 20 3.42 2.37 -2.63
N THR A 21 2.72 1.35 -3.16
CA THR A 21 1.43 1.45 -3.82
C THR A 21 0.63 0.18 -3.52
N CYS A 22 -0.66 0.33 -3.16
CA CYS A 22 -1.50 -0.80 -2.82
C CYS A 22 -1.91 -1.59 -4.05
N SER A 23 -1.58 -2.89 -4.05
CA SER A 23 -2.08 -3.88 -5.00
C SER A 23 -3.60 -3.96 -4.93
N ASN A 24 -4.24 -4.10 -6.10
CA ASN A 24 -5.67 -4.37 -6.19
C ASN A 24 -5.98 -5.82 -5.78
N LYS A 25 -5.21 -6.78 -6.32
CA LYS A 25 -5.40 -8.21 -6.11
C LYS A 25 -5.05 -8.60 -4.67
N HIS A 26 -3.77 -8.46 -4.29
CA HIS A 26 -3.24 -8.84 -2.98
C HIS A 26 -3.83 -7.99 -1.84
N LYS A 27 -4.25 -6.76 -2.15
CA LYS A 27 -4.83 -5.79 -1.22
C LYS A 27 -3.92 -5.52 -0.01
N TRP A 28 -2.65 -5.20 -0.31
CA TRP A 28 -1.68 -4.67 0.64
C TRP A 28 -0.69 -3.73 -0.05
N CYS A 29 0.01 -2.93 0.74
CA CYS A 29 1.06 -2.04 0.26
C CYS A 29 2.25 -2.86 -0.23
N LYS A 30 2.74 -2.54 -1.44
CA LYS A 30 3.91 -3.17 -2.04
C LYS A 30 4.70 -2.16 -2.87
N VAL A 31 6.02 -2.36 -2.92
CA VAL A 31 6.98 -1.43 -3.53
C VAL A 31 6.67 -1.29 -5.03
N LEU A 32 6.33 -0.06 -5.44
CA LEU A 32 6.05 0.36 -6.81
C LEU A 32 7.20 -0.03 -7.75
N LEU A 33 8.41 0.35 -7.35
CA LEU A 33 9.65 0.06 -8.07
C LEU A 33 10.01 -1.41 -7.87
N NH2 A 34 10.04 -2.18 -8.97
HN1 NH2 A 34 9.83 -1.77 -9.87
HN2 NH2 A 34 10.27 -3.16 -8.90
N GLU A 1 -0.36 7.54 10.53
CA GLU A 1 0.78 6.69 10.15
C GLU A 1 0.47 5.92 8.86
N CYS A 2 1.32 6.13 7.86
CA CYS A 2 1.26 5.47 6.56
C CYS A 2 1.47 3.95 6.70
N LYS A 3 0.79 3.18 5.84
CA LYS A 3 0.84 1.73 5.83
C LYS A 3 2.13 1.28 5.12
N GLY A 4 3.02 0.63 5.87
CA GLY A 4 4.30 0.13 5.39
C GLY A 4 4.14 -1.09 4.48
N PHE A 5 5.28 -1.63 4.02
CA PHE A 5 5.38 -2.74 3.09
C PHE A 5 4.78 -4.01 3.70
N GLY A 6 3.71 -4.50 3.06
CA GLY A 6 2.99 -5.71 3.43
C GLY A 6 1.92 -5.47 4.51
N LYS A 7 1.38 -4.24 4.60
CA LYS A 7 0.31 -3.88 5.52
C LYS A 7 -0.93 -3.47 4.70
N SER A 8 -2.07 -4.03 5.11
CA SER A 8 -3.36 -3.91 4.43
C SER A 8 -3.79 -2.45 4.30
N CYS A 9 -4.01 -2.00 3.06
CA CYS A 9 -4.36 -0.62 2.74
C CYS A 9 -5.85 -0.34 2.88
N VAL A 10 -6.18 0.96 2.85
CA VAL A 10 -7.47 1.48 2.41
C VAL A 10 -7.54 1.26 0.89
N PRO A 11 -8.61 0.64 0.35
CA PRO A 11 -8.78 0.42 -1.09
C PRO A 11 -9.03 1.75 -1.81
N GLY A 12 -7.93 2.37 -2.23
CA GLY A 12 -7.87 3.68 -2.87
C GLY A 12 -6.46 4.31 -2.81
N LYS A 13 -5.45 3.59 -2.30
CA LYS A 13 -4.06 4.02 -2.13
C LYS A 13 -3.97 5.29 -1.27
N ASN A 14 -4.88 5.42 -0.29
CA ASN A 14 -4.99 6.55 0.60
C ASN A 14 -3.92 6.54 1.70
N GLU A 15 -3.32 5.37 1.98
CA GLU A 15 -2.49 5.14 3.16
C GLU A 15 -1.01 4.88 2.84
N CYS A 16 -0.71 4.10 1.80
CA CYS A 16 0.62 3.50 1.60
C CYS A 16 1.73 4.56 1.57
N CYS A 17 2.85 4.26 2.28
CA CYS A 17 4.00 5.14 2.45
C CYS A 17 4.69 5.49 1.12
N SER A 18 5.64 6.44 1.19
CA SER A 18 6.45 6.90 0.07
C SER A 18 7.33 5.76 -0.45
N GLY A 19 6.99 5.28 -1.66
CA GLY A 19 7.67 4.20 -2.37
C GLY A 19 6.83 2.91 -2.43
N LEU A 20 5.53 3.01 -2.15
CA LEU A 20 4.57 1.90 -2.11
C LEU A 20 3.31 2.28 -2.88
N THR A 21 2.54 1.23 -3.23
CA THR A 21 1.29 1.31 -3.97
C THR A 21 0.47 0.05 -3.67
N CYS A 22 -0.83 0.21 -3.38
CA CYS A 22 -1.67 -0.91 -2.97
C CYS A 22 -2.02 -1.82 -4.15
N SER A 23 -1.70 -3.12 -3.97
CA SER A 23 -1.99 -4.21 -4.87
C SER A 23 -3.49 -4.33 -5.18
N ASN A 24 -3.81 -4.63 -6.44
CA ASN A 24 -5.16 -5.00 -6.86
C ASN A 24 -5.58 -6.32 -6.23
N LYS A 25 -4.72 -7.35 -6.28
CA LYS A 25 -4.98 -8.71 -5.82
C LYS A 25 -5.04 -8.75 -4.28
N HIS A 26 -3.90 -8.57 -3.62
CA HIS A 26 -3.72 -8.73 -2.18
C HIS A 26 -4.48 -7.67 -1.36
N LYS A 27 -4.65 -6.46 -1.91
CA LYS A 27 -5.02 -5.25 -1.18
C LYS A 27 -4.12 -5.04 0.05
N TRP A 28 -2.80 -4.97 -0.22
CA TRP A 28 -1.78 -4.51 0.70
C TRP A 28 -0.75 -3.63 -0.02
N CYS A 29 -0.04 -2.81 0.73
CA CYS A 29 0.98 -1.91 0.21
C CYS A 29 2.20 -2.73 -0.25
N LYS A 30 2.63 -2.51 -1.50
CA LYS A 30 3.78 -3.19 -2.09
C LYS A 30 4.60 -2.22 -2.95
N VAL A 31 5.91 -2.48 -3.05
CA VAL A 31 6.91 -1.58 -3.62
C VAL A 31 6.57 -1.22 -5.07
N LEU A 32 6.30 0.08 -5.27
CA LEU A 32 6.05 0.71 -6.56
C LEU A 32 7.30 0.63 -7.45
N LEU A 33 8.40 1.18 -6.94
CA LEU A 33 9.65 1.40 -7.66
C LEU A 33 10.51 0.14 -7.61
N NH2 A 34 10.48 -0.65 -8.69
HN1 NH2 A 34 9.90 -0.40 -9.49
HN2 NH2 A 34 11.03 -1.49 -8.71
N GLU A 1 1.64 9.87 8.96
CA GLU A 1 1.23 8.48 9.23
C GLU A 1 0.83 7.78 7.92
N CYS A 2 1.53 6.68 7.61
CA CYS A 2 1.32 5.87 6.42
C CYS A 2 1.30 4.37 6.78
N LYS A 3 1.20 3.52 5.74
CA LYS A 3 0.97 2.07 5.86
C LYS A 3 2.12 1.33 5.17
N GLY A 4 2.93 0.63 5.96
CA GLY A 4 4.18 0.01 5.53
C GLY A 4 3.98 -1.18 4.60
N PHE A 5 5.11 -1.69 4.09
CA PHE A 5 5.21 -2.77 3.13
C PHE A 5 4.63 -4.08 3.69
N GLY A 6 3.67 -4.64 2.94
CA GLY A 6 2.99 -5.88 3.24
C GLY A 6 1.73 -5.71 4.09
N LYS A 7 1.46 -4.50 4.59
CA LYS A 7 0.36 -4.21 5.49
C LYS A 7 -0.89 -3.82 4.69
N SER A 8 -2.03 -4.41 5.06
CA SER A 8 -3.31 -4.32 4.36
C SER A 8 -3.80 -2.87 4.28
N CYS A 9 -3.89 -2.34 3.05
CA CYS A 9 -4.21 -0.94 2.77
C CYS A 9 -5.69 -0.61 2.96
N VAL A 10 -5.97 0.70 2.95
CA VAL A 10 -7.26 1.25 2.55
C VAL A 10 -7.38 1.03 1.03
N PRO A 11 -8.46 0.40 0.52
CA PRO A 11 -8.67 0.13 -0.90
C PRO A 11 -8.96 1.44 -1.65
N GLY A 12 -7.88 2.08 -2.09
CA GLY A 12 -7.87 3.37 -2.79
C GLY A 12 -6.49 4.04 -2.76
N LYS A 13 -5.43 3.36 -2.29
CA LYS A 13 -4.05 3.85 -2.17
C LYS A 13 -3.97 5.12 -1.31
N ASN A 14 -4.88 5.23 -0.33
CA ASN A 14 -5.02 6.40 0.53
C ASN A 14 -3.93 6.46 1.61
N GLU A 15 -3.30 5.33 1.95
CA GLU A 15 -2.46 5.20 3.15
C GLU A 15 -1.03 4.75 2.86
N CYS A 16 -0.76 3.93 1.82
CA CYS A 16 0.55 3.34 1.58
C CYS A 16 1.65 4.40 1.47
N CYS A 17 2.78 4.16 2.17
CA CYS A 17 3.92 5.07 2.32
C CYS A 17 4.57 5.47 0.97
N SER A 18 5.45 6.47 1.04
CA SER A 18 6.23 6.97 -0.09
C SER A 18 7.25 5.92 -0.54
N GLY A 19 6.95 5.28 -1.67
CA GLY A 19 7.71 4.18 -2.26
C GLY A 19 6.88 2.90 -2.42
N LEU A 20 5.59 2.96 -2.05
CA LEU A 20 4.64 1.85 -2.05
C LEU A 20 3.38 2.25 -2.83
N THR A 21 2.59 1.23 -3.19
CA THR A 21 1.31 1.35 -3.89
C THR A 21 0.50 0.07 -3.63
N CYS A 22 -0.80 0.23 -3.31
CA CYS A 22 -1.63 -0.90 -2.95
C CYS A 22 -2.01 -1.74 -4.18
N SER A 23 -1.71 -3.04 -4.09
CA SER A 23 -2.15 -4.09 -5.02
C SER A 23 -3.68 -4.14 -5.07
N ASN A 24 -4.23 -4.27 -6.29
CA ASN A 24 -5.65 -4.52 -6.50
C ASN A 24 -6.05 -5.90 -5.96
N LYS A 25 -5.29 -6.95 -6.31
CA LYS A 25 -5.57 -8.34 -5.95
C LYS A 25 -5.42 -8.57 -4.45
N HIS A 26 -4.20 -8.40 -3.93
CA HIS A 26 -3.83 -8.72 -2.54
C HIS A 26 -4.46 -7.76 -1.52
N LYS A 27 -4.72 -6.51 -1.92
CA LYS A 27 -5.09 -5.40 -1.05
C LYS A 27 -4.09 -5.24 0.10
N TRP A 28 -2.80 -5.13 -0.26
CA TRP A 28 -1.73 -4.68 0.62
C TRP A 28 -0.76 -3.76 -0.12
N CYS A 29 0.01 -3.01 0.66
CA CYS A 29 1.04 -2.11 0.16
C CYS A 29 2.21 -2.91 -0.36
N LYS A 30 2.67 -2.61 -1.58
CA LYS A 30 3.81 -3.26 -2.22
C LYS A 30 4.64 -2.25 -3.03
N VAL A 31 5.95 -2.49 -3.08
CA VAL A 31 6.96 -1.55 -3.55
C VAL A 31 6.72 -1.15 -5.01
N LEU A 32 6.34 0.12 -5.20
CA LEU A 32 6.34 0.82 -6.48
C LEU A 32 7.80 1.02 -6.94
N LEU A 33 8.54 1.74 -6.11
CA LEU A 33 9.92 2.16 -6.34
C LEU A 33 10.66 2.09 -5.00
N NH2 A 34 11.72 1.28 -4.94
HN1 NH2 A 34 12.00 0.75 -5.75
HN2 NH2 A 34 12.25 1.20 -4.08
N GLU A 1 -0.93 7.68 10.33
CA GLU A 1 0.22 6.89 9.87
C GLU A 1 0.03 6.40 8.43
N CYS A 2 1.15 6.20 7.72
CA CYS A 2 1.19 5.53 6.42
C CYS A 2 1.47 4.04 6.62
N LYS A 3 0.81 3.22 5.80
CA LYS A 3 0.92 1.76 5.84
C LYS A 3 2.21 1.32 5.13
N GLY A 4 3.11 0.68 5.89
CA GLY A 4 4.37 0.15 5.40
C GLY A 4 4.18 -1.09 4.53
N PHE A 5 5.29 -1.60 4.00
CA PHE A 5 5.37 -2.71 3.08
C PHE A 5 4.80 -3.98 3.69
N GLY A 6 3.77 -4.52 3.03
CA GLY A 6 3.07 -5.74 3.43
C GLY A 6 2.04 -5.49 4.55
N LYS A 7 1.36 -4.33 4.52
CA LYS A 7 0.26 -3.99 5.42
C LYS A 7 -0.99 -3.63 4.62
N SER A 8 -2.14 -4.13 5.09
CA SER A 8 -3.42 -4.01 4.42
C SER A 8 -3.87 -2.55 4.34
N CYS A 9 -4.16 -2.10 3.12
CA CYS A 9 -4.51 -0.72 2.81
C CYS A 9 -6.03 -0.46 2.93
N VAL A 10 -6.35 0.84 2.94
CA VAL A 10 -7.63 1.39 2.56
C VAL A 10 -7.72 1.34 1.02
N PRO A 11 -8.85 0.92 0.43
CA PRO A 11 -9.07 0.96 -1.01
C PRO A 11 -9.19 2.42 -1.49
N GLY A 12 -8.07 2.90 -2.05
CA GLY A 12 -7.80 4.29 -2.39
C GLY A 12 -6.30 4.45 -2.62
N LYS A 13 -5.49 3.60 -1.98
CA LYS A 13 -4.03 3.57 -1.96
C LYS A 13 -3.45 4.80 -1.24
N ASN A 14 -4.33 5.56 -0.58
CA ASN A 14 -4.04 6.79 0.15
C ASN A 14 -3.12 6.53 1.35
N GLU A 15 -3.29 5.37 1.99
CA GLU A 15 -2.54 4.96 3.17
C GLU A 15 -1.06 4.74 2.85
N CYS A 16 -0.73 3.91 1.86
CA CYS A 16 0.61 3.39 1.62
C CYS A 16 1.67 4.49 1.54
N CYS A 17 2.81 4.26 2.24
CA CYS A 17 3.92 5.21 2.37
C CYS A 17 4.58 5.55 1.02
N SER A 18 5.51 6.51 1.05
CA SER A 18 6.31 6.93 -0.09
C SER A 18 7.20 5.77 -0.59
N GLY A 19 6.89 5.29 -1.79
CA GLY A 19 7.56 4.18 -2.47
C GLY A 19 6.74 2.89 -2.44
N LEU A 20 5.42 2.99 -2.21
CA LEU A 20 4.48 1.89 -2.13
C LEU A 20 3.18 2.26 -2.85
N THR A 21 2.45 1.22 -3.28
CA THR A 21 1.12 1.30 -3.87
C THR A 21 0.36 0.01 -3.54
N CYS A 22 -0.93 0.13 -3.20
CA CYS A 22 -1.71 -1.03 -2.81
C CYS A 22 -2.03 -1.91 -4.01
N SER A 23 -1.77 -3.22 -3.87
CA SER A 23 -2.09 -4.26 -4.82
C SER A 23 -3.61 -4.35 -5.07
N ASN A 24 -3.98 -4.60 -6.33
CA ASN A 24 -5.35 -4.92 -6.72
C ASN A 24 -5.80 -6.27 -6.14
N LYS A 25 -4.97 -7.31 -6.30
CA LYS A 25 -5.25 -8.68 -5.90
C LYS A 25 -5.13 -8.84 -4.38
N HIS A 26 -3.93 -8.63 -3.84
CA HIS A 26 -3.58 -8.92 -2.45
C HIS A 26 -4.15 -7.91 -1.45
N LYS A 27 -4.49 -6.70 -1.92
CA LYS A 27 -4.90 -5.55 -1.12
C LYS A 27 -3.94 -5.30 0.06
N TRP A 28 -2.65 -5.14 -0.27
CA TRP A 28 -1.63 -4.66 0.65
C TRP A 28 -0.60 -3.79 -0.07
N CYS A 29 0.07 -2.92 0.68
CA CYS A 29 1.09 -2.00 0.17
C CYS A 29 2.30 -2.78 -0.33
N LYS A 30 2.71 -2.52 -1.58
CA LYS A 30 3.84 -3.19 -2.23
C LYS A 30 4.64 -2.22 -3.10
N VAL A 31 5.96 -2.45 -3.14
CA VAL A 31 6.95 -1.53 -3.69
C VAL A 31 6.76 -1.34 -5.20
N LEU A 32 6.28 -0.15 -5.56
CA LEU A 32 6.32 0.36 -6.93
C LEU A 32 7.72 0.88 -7.25
N LEU A 33 8.18 1.81 -6.41
CA LEU A 33 9.43 2.54 -6.55
C LEU A 33 10.34 2.20 -5.36
N NH2 A 34 11.44 1.50 -5.63
HN1 NH2 A 34 11.65 1.23 -6.60
HN2 NH2 A 34 12.08 1.25 -4.90
N GLU A 1 -0.53 6.82 11.15
CA GLU A 1 0.66 6.70 10.28
C GLU A 1 0.36 5.96 8.98
N CYS A 2 1.22 6.17 7.98
CA CYS A 2 1.17 5.50 6.69
C CYS A 2 1.39 3.99 6.83
N LYS A 3 0.76 3.22 5.94
CA LYS A 3 0.81 1.76 5.92
C LYS A 3 2.09 1.29 5.23
N GLY A 4 2.96 0.62 5.98
CA GLY A 4 4.24 0.13 5.50
C GLY A 4 4.10 -1.05 4.55
N PHE A 5 5.23 -1.52 4.02
CA PHE A 5 5.34 -2.59 3.07
C PHE A 5 4.82 -3.90 3.67
N GLY A 6 3.78 -4.45 3.02
CA GLY A 6 3.11 -5.68 3.42
C GLY A 6 2.11 -5.43 4.55
N LYS A 7 1.38 -4.30 4.49
CA LYS A 7 0.34 -3.93 5.46
C LYS A 7 -0.91 -3.46 4.72
N SER A 8 -2.06 -3.97 5.17
CA SER A 8 -3.36 -3.83 4.52
C SER A 8 -3.78 -2.36 4.40
N CYS A 9 -4.09 -1.94 3.17
CA CYS A 9 -4.44 -0.57 2.83
C CYS A 9 -5.94 -0.28 3.00
N VAL A 10 -6.24 1.03 2.95
CA VAL A 10 -7.54 1.58 2.60
C VAL A 10 -7.67 1.47 1.07
N PRO A 11 -8.85 1.08 0.53
CA PRO A 11 -9.11 1.09 -0.91
C PRO A 11 -9.19 2.54 -1.42
N GLY A 12 -8.07 2.98 -2.00
CA GLY A 12 -7.77 4.34 -2.39
C GLY A 12 -6.27 4.46 -2.68
N LYS A 13 -5.46 3.59 -2.02
CA LYS A 13 -4.00 3.52 -2.05
C LYS A 13 -3.37 4.74 -1.38
N ASN A 14 -4.20 5.59 -0.75
CA ASN A 14 -3.85 6.86 -0.16
C ASN A 14 -2.97 6.67 1.08
N GLU A 15 -3.22 5.61 1.85
CA GLU A 15 -2.55 5.33 3.12
C GLU A 15 -1.09 4.90 2.94
N CYS A 16 -0.78 4.08 1.92
CA CYS A 16 0.54 3.47 1.74
C CYS A 16 1.66 4.52 1.71
N CYS A 17 2.76 4.23 2.42
CA CYS A 17 3.91 5.12 2.60
C CYS A 17 4.62 5.45 1.28
N SER A 18 5.59 6.37 1.34
CA SER A 18 6.40 6.83 0.22
C SER A 18 7.20 5.67 -0.40
N GLY A 19 6.85 5.34 -1.65
CA GLY A 19 7.47 4.30 -2.45
C GLY A 19 6.64 3.00 -2.50
N LEU A 20 5.34 3.10 -2.18
CA LEU A 20 4.39 1.99 -2.12
C LEU A 20 3.09 2.37 -2.83
N THR A 21 2.35 1.32 -3.23
CA THR A 21 1.05 1.39 -3.88
C THR A 21 0.30 0.08 -3.59
N CYS A 22 -1.00 0.17 -3.23
CA CYS A 22 -1.77 -1.00 -2.84
C CYS A 22 -2.10 -1.89 -4.04
N SER A 23 -1.78 -3.18 -3.90
CA SER A 23 -2.01 -4.24 -4.88
C SER A 23 -3.48 -4.42 -5.21
N ASN A 24 -3.77 -4.68 -6.49
CA ASN A 24 -5.07 -5.15 -6.95
C ASN A 24 -5.36 -6.59 -6.48
N LYS A 25 -4.32 -7.44 -6.46
CA LYS A 25 -4.39 -8.85 -6.09
C LYS A 25 -4.51 -8.99 -4.56
N HIS A 26 -3.40 -8.73 -3.85
CA HIS A 26 -3.21 -8.97 -2.43
C HIS A 26 -4.03 -8.03 -1.53
N LYS A 27 -4.39 -6.83 -2.05
CA LYS A 27 -4.93 -5.70 -1.30
C LYS A 27 -4.07 -5.37 -0.07
N TRP A 28 -2.77 -5.15 -0.30
CA TRP A 28 -1.83 -4.60 0.66
C TRP A 28 -0.80 -3.72 -0.04
N CYS A 29 -0.11 -2.86 0.73
CA CYS A 29 0.92 -1.98 0.21
C CYS A 29 2.12 -2.79 -0.28
N LYS A 30 2.51 -2.56 -1.53
CA LYS A 30 3.67 -3.20 -2.17
C LYS A 30 4.48 -2.18 -2.98
N VAL A 31 5.77 -2.47 -3.16
CA VAL A 31 6.75 -1.55 -3.73
C VAL A 31 6.36 -1.15 -5.15
N LEU A 32 6.10 0.16 -5.32
CA LEU A 32 5.79 0.82 -6.58
C LEU A 32 6.89 0.58 -7.62
N LEU A 33 8.14 0.74 -7.19
CA LEU A 33 9.34 0.46 -7.97
C LEU A 33 9.44 -1.07 -8.21
N NH2 A 34 9.49 -1.46 -9.47
HN1 NH2 A 34 9.48 -0.79 -10.22
HN2 NH2 A 34 9.57 -2.45 -9.69
N GLU A 1 -0.94 8.06 10.15
CA GLU A 1 0.32 7.35 9.81
C GLU A 1 0.15 6.44 8.60
N CYS A 2 1.14 6.47 7.70
CA CYS A 2 1.16 5.70 6.47
C CYS A 2 1.37 4.20 6.75
N LYS A 3 0.79 3.36 5.89
CA LYS A 3 0.86 1.91 5.98
C LYS A 3 2.15 1.42 5.32
N GLY A 4 3.00 0.72 6.10
CA GLY A 4 4.26 0.17 5.66
C GLY A 4 4.08 -1.01 4.69
N PHE A 5 5.19 -1.47 4.12
CA PHE A 5 5.30 -2.54 3.16
C PHE A 5 4.78 -3.86 3.75
N GLY A 6 3.67 -4.37 3.18
CA GLY A 6 3.02 -5.61 3.56
C GLY A 6 1.67 -5.41 4.28
N LYS A 7 1.42 -4.21 4.83
CA LYS A 7 0.22 -3.89 5.60
C LYS A 7 -0.97 -3.68 4.66
N SER A 8 -2.11 -4.30 5.02
CA SER A 8 -3.37 -4.19 4.30
C SER A 8 -3.87 -2.75 4.32
N CYS A 9 -4.08 -2.19 3.12
CA CYS A 9 -4.41 -0.79 2.90
C CYS A 9 -5.91 -0.49 3.03
N VAL A 10 -6.21 0.82 3.00
CA VAL A 10 -7.50 1.37 2.59
C VAL A 10 -7.58 1.25 1.06
N PRO A 11 -8.69 0.73 0.49
CA PRO A 11 -8.91 0.71 -0.95
C PRO A 11 -9.09 2.15 -1.47
N GLY A 12 -8.02 2.65 -2.08
CA GLY A 12 -7.79 4.03 -2.46
C GLY A 12 -6.30 4.23 -2.74
N LYS A 13 -5.45 3.41 -2.09
CA LYS A 13 -3.99 3.39 -2.13
C LYS A 13 -3.39 4.64 -1.46
N ASN A 14 -4.24 5.43 -0.82
CA ASN A 14 -3.92 6.69 -0.18
C ASN A 14 -3.01 6.50 1.03
N GLU A 15 -3.18 5.39 1.75
CA GLU A 15 -2.47 5.09 2.99
C GLU A 15 -0.97 4.85 2.77
N CYS A 16 -0.61 3.96 1.83
CA CYS A 16 0.73 3.38 1.72
C CYS A 16 1.83 4.44 1.64
N CYS A 17 2.93 4.20 2.36
CA CYS A 17 4.07 5.12 2.53
C CYS A 17 4.81 5.41 1.21
N SER A 18 5.83 6.28 1.28
CA SER A 18 6.66 6.70 0.17
C SER A 18 7.41 5.51 -0.44
N GLY A 19 7.06 5.19 -1.70
CA GLY A 19 7.65 4.12 -2.50
C GLY A 19 6.80 2.84 -2.44
N LEU A 20 5.49 2.98 -2.21
CA LEU A 20 4.52 1.90 -2.11
C LEU A 20 3.23 2.29 -2.84
N THR A 21 2.44 1.26 -3.16
CA THR A 21 1.15 1.35 -3.85
C THR A 21 0.39 0.05 -3.58
N CYS A 22 -0.89 0.16 -3.19
CA CYS A 22 -1.65 -1.01 -2.79
C CYS A 22 -2.03 -1.88 -3.98
N SER A 23 -1.75 -3.19 -3.84
CA SER A 23 -2.06 -4.25 -4.79
C SER A 23 -3.55 -4.33 -5.07
N ASN A 24 -3.92 -4.48 -6.35
CA ASN A 24 -5.27 -4.79 -6.78
C ASN A 24 -5.71 -6.18 -6.28
N LYS A 25 -4.81 -7.18 -6.39
CA LYS A 25 -5.06 -8.58 -6.05
C LYS A 25 -5.12 -8.76 -4.54
N HIS A 26 -3.95 -8.68 -3.86
CA HIS A 26 -3.80 -8.99 -2.44
C HIS A 26 -4.45 -7.97 -1.50
N LYS A 27 -4.58 -6.71 -1.95
CA LYS A 27 -4.90 -5.55 -1.13
C LYS A 27 -3.94 -5.42 0.07
N TRP A 28 -2.66 -5.20 -0.26
CA TRP A 28 -1.67 -4.65 0.67
C TRP A 28 -0.67 -3.78 -0.08
N CYS A 29 0.04 -2.98 0.71
CA CYS A 29 1.09 -2.08 0.25
C CYS A 29 2.27 -2.90 -0.30
N LYS A 30 2.60 -2.66 -1.58
CA LYS A 30 3.72 -3.29 -2.29
C LYS A 30 4.50 -2.25 -3.10
N VAL A 31 5.77 -2.55 -3.37
CA VAL A 31 6.76 -1.61 -3.88
C VAL A 31 6.34 -1.03 -5.24
N LEU A 32 6.10 0.29 -5.26
CA LEU A 32 5.84 1.10 -6.45
C LEU A 32 7.06 1.15 -7.35
N LEU A 33 8.18 1.58 -6.77
CA LEU A 33 9.42 1.94 -7.44
C LEU A 33 10.19 0.69 -7.85
N NH2 A 34 10.19 0.36 -9.14
HN1 NH2 A 34 9.70 0.95 -9.81
HN2 NH2 A 34 10.69 -0.45 -9.46
N GLU A 1 -0.27 6.95 10.94
CA GLU A 1 0.85 6.94 9.98
C GLU A 1 0.53 6.12 8.72
N CYS A 2 1.37 6.30 7.69
CA CYS A 2 1.30 5.57 6.44
C CYS A 2 1.51 4.06 6.63
N LYS A 3 0.82 3.26 5.80
CA LYS A 3 0.88 1.81 5.83
C LYS A 3 2.18 1.33 5.17
N GLY A 4 3.02 0.62 5.93
CA GLY A 4 4.29 0.09 5.47
C GLY A 4 4.12 -1.09 4.51
N PHE A 5 5.24 -1.59 3.99
CA PHE A 5 5.31 -2.68 3.05
C PHE A 5 4.76 -3.97 3.65
N GLY A 6 3.68 -4.48 3.04
CA GLY A 6 2.97 -5.67 3.47
C GLY A 6 1.96 -5.39 4.59
N LYS A 7 1.28 -4.24 4.51
CA LYS A 7 0.21 -3.83 5.43
C LYS A 7 -1.07 -3.58 4.65
N SER A 8 -2.18 -4.16 5.12
CA SER A 8 -3.51 -4.07 4.51
C SER A 8 -3.97 -2.60 4.47
N CYS A 9 -4.19 -2.11 3.25
CA CYS A 9 -4.49 -0.70 2.96
C CYS A 9 -5.98 -0.37 3.09
N VAL A 10 -6.26 0.93 2.96
CA VAL A 10 -7.55 1.47 2.56
C VAL A 10 -7.67 1.30 1.02
N PRO A 11 -8.84 0.87 0.50
CA PRO A 11 -9.10 0.86 -0.94
C PRO A 11 -9.20 2.30 -1.47
N GLY A 12 -8.08 2.75 -2.05
CA GLY A 12 -7.80 4.11 -2.47
C GLY A 12 -6.31 4.25 -2.77
N LYS A 13 -5.48 3.40 -2.13
CA LYS A 13 -4.03 3.35 -2.19
C LYS A 13 -3.39 4.57 -1.53
N ASN A 14 -4.22 5.38 -0.86
CA ASN A 14 -3.86 6.66 -0.26
C ASN A 14 -2.95 6.47 0.97
N GLU A 15 -3.17 5.39 1.73
CA GLU A 15 -2.45 5.10 2.97
C GLU A 15 -0.97 4.81 2.74
N CYS A 16 -0.64 3.95 1.77
CA CYS A 16 0.69 3.38 1.59
C CYS A 16 1.78 4.46 1.49
N CYS A 17 2.90 4.23 2.18
CA CYS A 17 4.02 5.16 2.33
C CYS A 17 4.69 5.50 0.99
N SER A 18 5.66 6.44 1.04
CA SER A 18 6.46 6.88 -0.09
C SER A 18 7.34 5.72 -0.61
N GLY A 19 6.99 5.23 -1.81
CA GLY A 19 7.64 4.12 -2.50
C GLY A 19 6.80 2.85 -2.46
N LEU A 20 5.49 2.98 -2.18
CA LEU A 20 4.51 1.89 -2.09
C LEU A 20 3.21 2.29 -2.79
N THR A 21 2.37 1.28 -3.07
CA THR A 21 1.08 1.38 -3.72
C THR A 21 0.31 0.08 -3.47
N CYS A 22 -0.97 0.18 -3.09
CA CYS A 22 -1.74 -0.99 -2.70
C CYS A 22 -2.10 -1.85 -3.93
N SER A 23 -1.81 -3.15 -3.82
CA SER A 23 -2.12 -4.17 -4.80
C SER A 23 -3.63 -4.30 -5.04
N ASN A 24 -4.01 -4.53 -6.31
CA ASN A 24 -5.37 -4.89 -6.68
C ASN A 24 -5.74 -6.28 -6.14
N LYS A 25 -4.86 -7.28 -6.34
CA LYS A 25 -5.07 -8.67 -6.00
C LYS A 25 -4.97 -8.89 -4.48
N HIS A 26 -3.78 -8.64 -3.91
CA HIS A 26 -3.43 -8.94 -2.52
C HIS A 26 -4.10 -7.99 -1.52
N LYS A 27 -4.46 -6.76 -1.95
CA LYS A 27 -4.91 -5.66 -1.13
C LYS A 27 -3.99 -5.43 0.08
N TRP A 28 -2.70 -5.21 -0.22
CA TRP A 28 -1.70 -4.73 0.71
C TRP A 28 -0.69 -3.84 -0.02
N CYS A 29 0.03 -3.00 0.72
CA CYS A 29 1.05 -2.10 0.18
C CYS A 29 2.21 -2.92 -0.39
N LYS A 30 2.54 -2.67 -1.66
CA LYS A 30 3.65 -3.29 -2.38
C LYS A 30 4.45 -2.24 -3.15
N VAL A 31 5.73 -2.54 -3.41
CA VAL A 31 6.73 -1.59 -3.87
C VAL A 31 6.37 -0.97 -5.22
N LEU A 32 6.06 0.33 -5.19
CA LEU A 32 5.95 1.20 -6.36
C LEU A 32 7.36 1.41 -6.94
N LEU A 33 8.23 2.01 -6.13
CA LEU A 33 9.63 2.29 -6.41
C LEU A 33 10.45 2.03 -5.14
N NH2 A 34 11.49 1.21 -5.25
HN1 NH2 A 34 11.70 0.78 -6.15
HN2 NH2 A 34 12.07 1.00 -4.45
N GLU A 1 1.02 8.03 9.80
CA GLU A 1 -0.22 7.25 9.62
C GLU A 1 -0.15 6.22 8.49
N CYS A 2 0.86 6.32 7.63
CA CYS A 2 0.98 5.55 6.40
C CYS A 2 1.23 4.07 6.68
N LYS A 3 0.66 3.22 5.81
CA LYS A 3 0.80 1.77 5.86
C LYS A 3 2.12 1.37 5.21
N GLY A 4 3.00 0.72 5.99
CA GLY A 4 4.30 0.23 5.53
C GLY A 4 4.17 -0.94 4.55
N PHE A 5 5.31 -1.39 4.03
CA PHE A 5 5.42 -2.47 3.08
C PHE A 5 4.89 -3.77 3.68
N GLY A 6 3.85 -4.32 3.03
CA GLY A 6 3.18 -5.55 3.43
C GLY A 6 2.17 -5.33 4.57
N LYS A 7 1.47 -4.18 4.56
CA LYS A 7 0.42 -3.82 5.50
C LYS A 7 -0.87 -3.52 4.73
N SER A 8 -1.97 -4.13 5.16
CA SER A 8 -3.28 -4.08 4.52
C SER A 8 -3.79 -2.64 4.44
N CYS A 9 -4.03 -2.17 3.21
CA CYS A 9 -4.38 -0.79 2.90
C CYS A 9 -5.89 -0.53 2.99
N VAL A 10 -6.23 0.76 2.86
CA VAL A 10 -7.51 1.26 2.40
C VAL A 10 -7.55 1.13 0.88
N PRO A 11 -8.63 0.60 0.27
CA PRO A 11 -8.83 0.61 -1.17
C PRO A 11 -9.02 2.05 -1.67
N GLY A 12 -7.93 2.60 -2.21
CA GLY A 12 -7.76 3.99 -2.60
C GLY A 12 -6.27 4.28 -2.83
N LYS A 13 -5.39 3.49 -2.19
CA LYS A 13 -3.93 3.60 -2.17
C LYS A 13 -3.46 4.84 -1.40
N ASN A 14 -4.41 5.53 -0.74
CA ASN A 14 -4.20 6.76 0.00
C ASN A 14 -3.27 6.56 1.21
N GLU A 15 -3.31 5.36 1.82
CA GLU A 15 -2.54 5.03 3.00
C GLU A 15 -1.04 4.89 2.70
N CYS A 16 -0.66 4.00 1.77
CA CYS A 16 0.68 3.44 1.66
C CYS A 16 1.79 4.50 1.62
N CYS A 17 2.89 4.23 2.36
CA CYS A 17 4.03 5.12 2.57
C CYS A 17 4.81 5.40 1.26
N SER A 18 5.87 6.20 1.38
CA SER A 18 6.75 6.61 0.29
C SER A 18 7.43 5.40 -0.36
N GLY A 19 7.16 5.23 -1.66
CA GLY A 19 7.73 4.20 -2.52
C GLY A 19 6.88 2.92 -2.55
N LEU A 20 5.58 3.05 -2.26
CA LEU A 20 4.61 1.95 -2.18
C LEU A 20 3.33 2.32 -2.93
N THR A 21 2.53 1.29 -3.22
CA THR A 21 1.24 1.36 -3.91
C THR A 21 0.47 0.08 -3.58
N CYS A 22 -0.81 0.21 -3.19
CA CYS A 22 -1.61 -0.94 -2.79
C CYS A 22 -2.00 -1.80 -3.99
N SER A 23 -1.70 -3.10 -3.89
CA SER A 23 -2.11 -4.14 -4.84
C SER A 23 -3.64 -4.22 -4.90
N ASN A 24 -4.18 -4.28 -6.13
CA ASN A 24 -5.59 -4.57 -6.37
C ASN A 24 -5.94 -6.00 -5.94
N LYS A 25 -5.06 -6.96 -6.25
CA LYS A 25 -5.22 -8.39 -6.01
C LYS A 25 -5.16 -8.69 -4.50
N HIS A 26 -3.98 -8.51 -3.88
CA HIS A 26 -3.71 -8.87 -2.49
C HIS A 26 -4.43 -7.94 -1.50
N LYS A 27 -4.53 -6.64 -1.84
CA LYS A 27 -4.91 -5.55 -0.96
C LYS A 27 -3.96 -5.44 0.25
N TRP A 28 -2.68 -5.21 -0.09
CA TRP A 28 -1.67 -4.68 0.82
C TRP A 28 -0.68 -3.80 0.04
N CYS A 29 0.08 -2.96 0.77
CA CYS A 29 1.10 -2.12 0.19
C CYS A 29 2.24 -2.96 -0.37
N LYS A 30 2.64 -2.69 -1.61
CA LYS A 30 3.77 -3.32 -2.29
C LYS A 30 4.58 -2.28 -3.05
N VAL A 31 5.87 -2.58 -3.29
CA VAL A 31 6.86 -1.64 -3.80
C VAL A 31 6.48 -1.13 -5.19
N LEU A 32 6.22 0.18 -5.29
CA LEU A 32 5.98 0.92 -6.51
C LEU A 32 7.18 0.85 -7.45
N LEU A 33 8.34 1.28 -6.93
CA LEU A 33 9.59 1.42 -7.65
C LEU A 33 10.30 0.07 -7.75
N NH2 A 34 10.13 -0.63 -8.88
HN1 NH2 A 34 9.54 -0.25 -9.61
HN2 NH2 A 34 10.57 -1.52 -9.00
N GLU A 1 1.34 7.30 10.16
CA GLU A 1 0.45 8.00 9.21
C GLU A 1 0.28 7.27 7.86
N CYS A 2 1.13 6.28 7.59
CA CYS A 2 1.15 5.51 6.36
C CYS A 2 1.40 4.03 6.64
N LYS A 3 0.78 3.17 5.82
CA LYS A 3 0.91 1.72 5.90
C LYS A 3 2.23 1.27 5.28
N GLY A 4 3.04 0.55 6.06
CA GLY A 4 4.30 -0.02 5.62
C GLY A 4 4.10 -1.18 4.64
N PHE A 5 5.21 -1.64 4.06
CA PHE A 5 5.28 -2.70 3.08
C PHE A 5 4.73 -4.01 3.64
N GLY A 6 3.71 -4.54 2.95
CA GLY A 6 3.03 -5.79 3.27
C GLY A 6 2.01 -5.63 4.40
N LYS A 7 1.37 -4.46 4.51
CA LYS A 7 0.30 -4.18 5.48
C LYS A 7 -0.98 -3.76 4.75
N SER A 8 -2.11 -4.22 5.30
CA SER A 8 -3.44 -4.08 4.71
C SER A 8 -3.84 -2.61 4.62
N CYS A 9 -4.06 -2.16 3.38
CA CYS A 9 -4.34 -0.76 3.04
C CYS A 9 -5.84 -0.44 3.07
N VAL A 10 -6.13 0.86 2.90
CA VAL A 10 -7.38 1.35 2.34
C VAL A 10 -7.36 1.00 0.85
N PRO A 11 -8.37 0.26 0.32
CA PRO A 11 -8.45 -0.11 -1.10
C PRO A 11 -8.80 1.10 -1.96
N GLY A 12 -7.75 1.87 -2.28
CA GLY A 12 -7.76 3.09 -3.06
C GLY A 12 -6.41 3.84 -3.04
N LYS A 13 -5.33 3.19 -2.57
CA LYS A 13 -3.97 3.72 -2.46
C LYS A 13 -3.93 5.04 -1.71
N ASN A 14 -4.62 5.08 -0.56
CA ASN A 14 -4.77 6.26 0.30
C ASN A 14 -3.76 6.27 1.46
N GLU A 15 -3.20 5.12 1.83
CA GLU A 15 -2.38 4.95 3.02
C GLU A 15 -0.91 4.77 2.71
N CYS A 16 -0.56 3.84 1.80
CA CYS A 16 0.78 3.27 1.67
C CYS A 16 1.88 4.34 1.56
N CYS A 17 2.98 4.14 2.32
CA CYS A 17 4.09 5.08 2.48
C CYS A 17 4.78 5.42 1.15
N SER A 18 5.64 6.45 1.19
CA SER A 18 6.40 6.95 0.05
C SER A 18 7.38 5.88 -0.47
N GLY A 19 7.08 5.35 -1.66
CA GLY A 19 7.82 4.30 -2.35
C GLY A 19 7.01 3.01 -2.49
N LEU A 20 5.71 3.03 -2.13
CA LEU A 20 4.79 1.91 -2.12
C LEU A 20 3.51 2.27 -2.88
N THR A 21 2.70 1.26 -3.17
CA THR A 21 1.38 1.37 -3.81
C THR A 21 0.58 0.11 -3.49
N CYS A 22 -0.67 0.28 -3.06
CA CYS A 22 -1.52 -0.85 -2.71
C CYS A 22 -1.99 -1.60 -3.96
N SER A 23 -1.76 -2.92 -3.95
CA SER A 23 -2.29 -3.88 -4.90
C SER A 23 -3.82 -3.88 -4.91
N ASN A 24 -4.41 -3.98 -6.10
CA ASN A 24 -5.84 -4.20 -6.27
C ASN A 24 -6.25 -5.58 -5.76
N LYS A 25 -5.50 -6.63 -6.15
CA LYS A 25 -5.80 -8.03 -5.84
C LYS A 25 -5.52 -8.34 -4.36
N HIS A 26 -4.26 -8.21 -3.92
CA HIS A 26 -3.80 -8.59 -2.59
C HIS A 26 -4.33 -7.66 -1.49
N LYS A 27 -4.61 -6.38 -1.84
CA LYS A 27 -5.01 -5.32 -0.93
C LYS A 27 -4.02 -5.15 0.23
N TRP A 28 -2.72 -5.10 -0.11
CA TRP A 28 -1.64 -4.68 0.77
C TRP A 28 -0.64 -3.81 0.00
N CYS A 29 0.19 -3.07 0.75
CA CYS A 29 1.22 -2.22 0.19
C CYS A 29 2.33 -3.08 -0.42
N LYS A 30 2.75 -2.72 -1.65
CA LYS A 30 3.85 -3.35 -2.35
C LYS A 30 4.63 -2.31 -3.18
N VAL A 31 5.95 -2.52 -3.28
CA VAL A 31 6.91 -1.51 -3.68
C VAL A 31 6.65 -1.01 -5.11
N LEU A 32 6.28 0.27 -5.22
CA LEU A 32 6.12 1.02 -6.46
C LEU A 32 7.43 1.04 -7.24
N LEU A 33 8.50 1.42 -6.55
CA LEU A 33 9.85 1.58 -7.06
C LEU A 33 10.47 0.23 -7.42
N NH2 A 34 11.16 0.17 -8.56
HN1 NH2 A 34 11.26 0.99 -9.13
HN2 NH2 A 34 11.59 -0.70 -8.85
N GLU A 1 -0.30 8.36 10.25
CA GLU A 1 0.94 7.76 9.69
C GLU A 1 0.62 6.73 8.62
N CYS A 2 1.43 6.76 7.54
CA CYS A 2 1.30 5.88 6.38
C CYS A 2 1.61 4.42 6.71
N LYS A 3 1.02 3.50 5.94
CA LYS A 3 1.17 2.06 6.07
C LYS A 3 2.42 1.58 5.33
N GLY A 4 3.27 0.82 6.03
CA GLY A 4 4.50 0.24 5.50
C GLY A 4 4.25 -0.96 4.59
N PHE A 5 5.35 -1.54 4.09
CA PHE A 5 5.38 -2.64 3.15
C PHE A 5 4.76 -3.90 3.75
N GLY A 6 3.71 -4.41 3.08
CA GLY A 6 2.98 -5.62 3.46
C GLY A 6 1.94 -5.38 4.55
N LYS A 7 1.28 -4.21 4.53
CA LYS A 7 0.19 -3.84 5.41
C LYS A 7 -1.10 -3.69 4.61
N SER A 8 -2.17 -4.36 5.07
CA SER A 8 -3.49 -4.36 4.46
C SER A 8 -4.06 -2.94 4.40
N CYS A 9 -4.27 -2.45 3.17
CA CYS A 9 -4.62 -1.06 2.91
C CYS A 9 -6.13 -0.81 2.90
N VAL A 10 -6.46 0.49 2.86
CA VAL A 10 -7.73 1.01 2.35
C VAL A 10 -7.68 0.94 0.82
N PRO A 11 -8.72 0.39 0.14
CA PRO A 11 -8.83 0.43 -1.31
C PRO A 11 -9.05 1.87 -1.78
N GLY A 12 -7.96 2.47 -2.27
CA GLY A 12 -7.79 3.88 -2.55
C GLY A 12 -6.29 4.16 -2.72
N LYS A 13 -5.45 3.34 -2.06
CA LYS A 13 -3.99 3.38 -2.02
C LYS A 13 -3.47 4.60 -1.26
N ASN A 14 -4.38 5.31 -0.60
CA ASN A 14 -4.13 6.53 0.16
C ASN A 14 -3.24 6.27 1.38
N GLU A 15 -3.39 5.07 1.99
CA GLU A 15 -2.67 4.67 3.19
C GLU A 15 -1.16 4.52 2.93
N CYS A 16 -0.77 3.73 1.92
CA CYS A 16 0.61 3.28 1.72
C CYS A 16 1.60 4.44 1.55
N CYS A 17 2.79 4.29 2.15
CA CYS A 17 3.85 5.29 2.20
C CYS A 17 4.44 5.63 0.82
N SER A 18 5.32 6.64 0.80
CA SER A 18 6.09 7.06 -0.37
C SER A 18 7.13 6.00 -0.73
N GLY A 19 6.88 5.29 -1.83
CA GLY A 19 7.66 4.15 -2.31
C GLY A 19 6.78 2.91 -2.54
N LEU A 20 5.55 2.93 -2.00
CA LEU A 20 4.59 1.84 -1.99
C LEU A 20 3.32 2.26 -2.74
N THR A 21 2.57 1.24 -3.18
CA THR A 21 1.26 1.35 -3.80
C THR A 21 0.49 0.05 -3.48
N CYS A 22 -0.79 0.17 -3.09
CA CYS A 22 -1.57 -0.99 -2.72
C CYS A 22 -1.97 -1.80 -3.95
N SER A 23 -1.70 -3.11 -3.91
CA SER A 23 -2.15 -4.09 -4.87
C SER A 23 -3.68 -4.10 -4.96
N ASN A 24 -4.20 -4.06 -6.20
CA ASN A 24 -5.62 -4.17 -6.48
C ASN A 24 -6.18 -5.56 -6.12
N LYS A 25 -5.35 -6.61 -6.25
CA LYS A 25 -5.73 -8.00 -6.06
C LYS A 25 -5.49 -8.44 -4.60
N HIS A 26 -4.22 -8.45 -4.17
CA HIS A 26 -3.79 -8.88 -2.83
C HIS A 26 -4.37 -7.99 -1.72
N LYS A 27 -4.54 -6.69 -2.00
CA LYS A 27 -4.91 -5.63 -1.04
C LYS A 27 -3.91 -5.57 0.13
N TRP A 28 -2.65 -5.29 -0.21
CA TRP A 28 -1.63 -4.80 0.72
C TRP A 28 -0.64 -3.87 0.00
N CYS A 29 0.06 -3.05 0.77
CA CYS A 29 1.11 -2.16 0.26
C CYS A 29 2.26 -2.98 -0.31
N LYS A 30 2.77 -2.59 -1.49
CA LYS A 30 3.90 -3.23 -2.14
C LYS A 30 4.70 -2.24 -2.99
N VAL A 31 6.01 -2.45 -3.04
CA VAL A 31 7.01 -1.53 -3.59
C VAL A 31 6.80 -1.34 -5.10
N LEU A 32 6.36 -0.12 -5.47
CA LEU A 32 6.38 0.38 -6.84
C LEU A 32 7.80 0.80 -7.22
N LEU A 33 8.37 1.70 -6.41
CA LEU A 33 9.68 2.30 -6.56
C LEU A 33 10.51 2.02 -5.30
N NH2 A 34 11.59 1.24 -5.46
HN1 NH2 A 34 11.82 0.87 -6.37
HN2 NH2 A 34 12.17 1.02 -4.66
N GLU A 1 1.29 8.10 9.62
CA GLU A 1 0.10 7.22 9.57
C GLU A 1 0.12 6.23 8.38
N CYS A 2 1.10 6.37 7.47
CA CYS A 2 1.18 5.61 6.23
C CYS A 2 1.43 4.13 6.51
N LYS A 3 0.81 3.27 5.68
CA LYS A 3 0.93 1.82 5.76
C LYS A 3 2.25 1.38 5.12
N GLY A 4 3.10 0.71 5.91
CA GLY A 4 4.35 0.14 5.47
C GLY A 4 4.15 -1.05 4.54
N PHE A 5 5.27 -1.56 4.00
CA PHE A 5 5.34 -2.64 3.04
C PHE A 5 4.74 -3.93 3.61
N GLY A 6 3.73 -4.46 2.90
CA GLY A 6 3.02 -5.67 3.25
C GLY A 6 2.05 -5.46 4.42
N LYS A 7 1.37 -4.31 4.47
CA LYS A 7 0.35 -4.00 5.46
C LYS A 7 -0.96 -3.61 4.77
N SER A 8 -2.07 -4.04 5.36
CA SER A 8 -3.42 -3.97 4.79
C SER A 8 -3.86 -2.51 4.64
N CYS A 9 -4.04 -2.08 3.38
CA CYS A 9 -4.34 -0.71 3.01
C CYS A 9 -5.85 -0.40 3.06
N VAL A 10 -6.14 0.89 2.90
CA VAL A 10 -7.41 1.37 2.35
C VAL A 10 -7.42 1.02 0.86
N PRO A 11 -8.43 0.29 0.34
CA PRO A 11 -8.55 -0.06 -1.07
C PRO A 11 -8.88 1.18 -1.92
N GLY A 12 -7.81 1.91 -2.26
CA GLY A 12 -7.80 3.15 -3.01
C GLY A 12 -6.45 3.89 -2.93
N LYS A 13 -5.38 3.20 -2.49
CA LYS A 13 -4.00 3.70 -2.37
C LYS A 13 -3.90 4.97 -1.53
N ASN A 14 -4.78 5.12 -0.53
CA ASN A 14 -4.88 6.30 0.32
C ASN A 14 -3.82 6.33 1.42
N GLU A 15 -3.22 5.18 1.77
CA GLU A 15 -2.39 5.01 2.95
C GLU A 15 -0.91 4.81 2.60
N CYS A 16 -0.58 3.90 1.67
CA CYS A 16 0.76 3.33 1.52
C CYS A 16 1.86 4.40 1.39
N CYS A 17 2.96 4.21 2.13
CA CYS A 17 4.08 5.14 2.28
C CYS A 17 4.79 5.45 0.95
N SER A 18 5.71 6.42 1.01
CA SER A 18 6.53 6.85 -0.11
C SER A 18 7.44 5.71 -0.61
N GLY A 19 7.14 5.22 -1.82
CA GLY A 19 7.84 4.14 -2.49
C GLY A 19 7.03 2.84 -2.51
N LEU A 20 5.72 2.92 -2.23
CA LEU A 20 4.77 1.83 -2.17
C LEU A 20 3.50 2.19 -2.95
N THR A 21 2.65 1.18 -3.18
CA THR A 21 1.37 1.28 -3.87
C THR A 21 0.53 0.05 -3.53
N CYS A 22 -0.74 0.25 -3.13
CA CYS A 22 -1.60 -0.86 -2.77
C CYS A 22 -2.08 -1.63 -3.99
N SER A 23 -1.81 -2.94 -4.00
CA SER A 23 -2.35 -3.90 -4.95
C SER A 23 -3.88 -3.94 -4.87
N ASN A 24 -4.54 -3.98 -6.02
CA ASN A 24 -5.97 -4.26 -6.12
C ASN A 24 -6.27 -5.71 -5.70
N LYS A 25 -5.44 -6.66 -6.16
CA LYS A 25 -5.57 -8.09 -5.92
C LYS A 25 -5.40 -8.42 -4.43
N HIS A 26 -4.21 -8.17 -3.86
CA HIS A 26 -3.82 -8.56 -2.51
C HIS A 26 -4.42 -7.65 -1.44
N LYS A 27 -4.70 -6.37 -1.78
CA LYS A 27 -5.09 -5.31 -0.86
C LYS A 27 -4.09 -5.16 0.30
N TRP A 28 -2.80 -5.09 -0.07
CA TRP A 28 -1.72 -4.66 0.80
C TRP A 28 -0.71 -3.81 0.01
N CYS A 29 0.11 -3.04 0.74
CA CYS A 29 1.15 -2.22 0.14
C CYS A 29 2.25 -3.11 -0.45
N LYS A 30 2.73 -2.73 -1.64
CA LYS A 30 3.84 -3.38 -2.33
C LYS A 30 4.67 -2.35 -3.11
N VAL A 31 5.97 -2.64 -3.26
CA VAL A 31 7.00 -1.70 -3.69
C VAL A 31 6.72 -1.15 -5.10
N LEU A 32 6.39 0.15 -5.16
CA LEU A 32 6.34 0.94 -6.38
C LEU A 32 7.77 1.21 -6.87
N LEU A 33 8.54 1.91 -6.05
CA LEU A 33 9.88 2.39 -6.34
C LEU A 33 10.91 1.42 -5.75
N NH2 A 34 11.51 0.58 -6.62
HN1 NH2 A 34 11.27 0.62 -7.60
HN2 NH2 A 34 12.19 -0.08 -6.28
N GLU A 1 -0.18 9.09 9.61
CA GLU A 1 0.67 7.90 9.41
C GLU A 1 0.47 7.28 8.02
N CYS A 2 1.35 6.34 7.67
CA CYS A 2 1.29 5.55 6.44
C CYS A 2 1.58 4.07 6.71
N LYS A 3 0.98 3.20 5.91
CA LYS A 3 1.14 1.76 5.98
C LYS A 3 2.42 1.33 5.26
N GLY A 4 3.30 0.61 5.99
CA GLY A 4 4.53 0.04 5.47
C GLY A 4 4.27 -1.16 4.54
N PHE A 5 5.36 -1.71 4.01
CA PHE A 5 5.39 -2.78 3.04
C PHE A 5 4.76 -4.06 3.60
N GLY A 6 3.74 -4.56 2.88
CA GLY A 6 3.02 -5.76 3.22
C GLY A 6 2.07 -5.57 4.40
N LYS A 7 1.39 -4.41 4.46
CA LYS A 7 0.38 -4.09 5.48
C LYS A 7 -0.93 -3.68 4.83
N SER A 8 -2.03 -4.04 5.49
CA SER A 8 -3.41 -3.86 5.00
C SER A 8 -3.74 -2.38 4.82
N CYS A 9 -4.31 -2.06 3.65
CA CYS A 9 -4.50 -0.70 3.15
C CYS A 9 -5.98 -0.33 3.01
N VAL A 10 -6.19 0.92 2.56
CA VAL A 10 -7.33 1.32 1.74
C VAL A 10 -6.93 1.02 0.29
N PRO A 11 -7.67 0.16 -0.44
CA PRO A 11 -7.33 -0.25 -1.81
C PRO A 11 -7.78 0.80 -2.86
N GLY A 12 -7.48 2.06 -2.56
CA GLY A 12 -7.56 3.22 -3.45
C GLY A 12 -6.35 4.14 -3.26
N LYS A 13 -5.22 3.56 -2.80
CA LYS A 13 -3.94 4.20 -2.53
C LYS A 13 -4.12 5.46 -1.66
N ASN A 14 -4.59 5.26 -0.43
CA ASN A 14 -4.86 6.32 0.55
C ASN A 14 -4.20 6.05 1.91
N GLU A 15 -3.27 5.09 2.00
CA GLU A 15 -2.55 4.72 3.21
C GLU A 15 -1.05 4.57 2.94
N CYS A 16 -0.67 3.75 1.95
CA CYS A 16 0.69 3.23 1.78
C CYS A 16 1.73 4.36 1.64
N CYS A 17 2.91 4.16 2.29
CA CYS A 17 3.99 5.14 2.39
C CYS A 17 4.63 5.47 1.02
N SER A 18 5.58 6.42 1.05
CA SER A 18 6.38 6.82 -0.11
C SER A 18 7.30 5.65 -0.53
N GLY A 19 7.02 5.11 -1.73
CA GLY A 19 7.69 3.97 -2.32
C GLY A 19 6.84 2.70 -2.28
N LEU A 20 5.52 2.86 -2.11
CA LEU A 20 4.52 1.80 -2.03
C LEU A 20 3.24 2.22 -2.77
N THR A 21 2.43 1.21 -3.11
CA THR A 21 1.15 1.34 -3.79
C THR A 21 0.34 0.06 -3.53
N CYS A 22 -0.90 0.22 -3.06
CA CYS A 22 -1.71 -0.94 -2.68
C CYS A 22 -2.25 -1.68 -3.90
N SER A 23 -1.95 -2.98 -3.96
CA SER A 23 -2.48 -3.91 -4.96
C SER A 23 -4.00 -3.98 -4.92
N ASN A 24 -4.63 -4.11 -6.09
CA ASN A 24 -6.04 -4.40 -6.23
C ASN A 24 -6.35 -5.83 -5.74
N LYS A 25 -5.52 -6.81 -6.13
CA LYS A 25 -5.69 -8.23 -5.82
C LYS A 25 -5.47 -8.49 -4.33
N HIS A 26 -4.21 -8.36 -3.87
CA HIS A 26 -3.78 -8.71 -2.52
C HIS A 26 -4.35 -7.77 -1.44
N LYS A 27 -4.64 -6.51 -1.80
CA LYS A 27 -5.05 -5.43 -0.90
C LYS A 27 -4.08 -5.27 0.28
N TRP A 28 -2.78 -5.24 -0.05
CA TRP A 28 -1.71 -4.80 0.84
C TRP A 28 -0.71 -3.94 0.05
N CYS A 29 0.09 -3.15 0.78
CA CYS A 29 1.11 -2.29 0.21
C CYS A 29 2.22 -3.12 -0.45
N LYS A 30 2.59 -2.75 -1.68
CA LYS A 30 3.72 -3.35 -2.40
C LYS A 30 4.48 -2.30 -3.21
N VAL A 31 5.77 -2.56 -3.42
CA VAL A 31 6.79 -1.60 -3.83
C VAL A 31 6.45 -0.93 -5.17
N LEU A 32 6.20 0.39 -5.10
CA LEU A 32 6.09 1.28 -6.25
C LEU A 32 7.48 1.49 -6.88
N LEU A 33 8.38 2.08 -6.09
CA LEU A 33 9.71 2.50 -6.50
C LEU A 33 10.68 1.33 -6.40
N NH2 A 34 10.93 0.65 -7.53
HN1 NH2 A 34 10.48 0.92 -8.39
HN2 NH2 A 34 11.56 -0.14 -7.52
N GLU A 1 -1.45 7.50 10.16
CA GLU A 1 -0.09 7.22 9.66
C GLU A 1 -0.10 6.30 8.44
N CYS A 2 0.92 6.43 7.59
CA CYS A 2 1.05 5.68 6.35
C CYS A 2 1.34 4.20 6.62
N LYS A 3 0.76 3.33 5.78
CA LYS A 3 0.88 1.89 5.87
C LYS A 3 2.22 1.43 5.28
N GLY A 4 2.99 0.66 6.06
CA GLY A 4 4.26 0.07 5.63
C GLY A 4 4.04 -1.07 4.62
N PHE A 5 5.15 -1.61 4.11
CA PHE A 5 5.21 -2.69 3.16
C PHE A 5 4.58 -3.97 3.73
N GLY A 6 3.62 -4.53 2.99
CA GLY A 6 2.90 -5.75 3.35
C GLY A 6 1.75 -5.54 4.35
N LYS A 7 1.46 -4.28 4.72
CA LYS A 7 0.35 -3.94 5.61
C LYS A 7 -0.91 -3.70 4.78
N SER A 8 -2.02 -4.32 5.21
CA SER A 8 -3.32 -4.24 4.55
C SER A 8 -3.82 -2.79 4.56
N CYS A 9 -4.04 -2.24 3.36
CA CYS A 9 -4.38 -0.84 3.13
C CYS A 9 -5.88 -0.60 3.15
N VAL A 10 -6.25 0.69 3.01
CA VAL A 10 -7.56 1.16 2.59
C VAL A 10 -7.66 0.97 1.06
N PRO A 11 -8.77 0.40 0.54
CA PRO A 11 -9.04 0.35 -0.90
C PRO A 11 -9.31 1.78 -1.41
N GLY A 12 -8.26 2.33 -2.05
CA GLY A 12 -8.09 3.73 -2.39
C GLY A 12 -6.62 3.89 -2.76
N LYS A 13 -5.77 3.11 -2.07
CA LYS A 13 -4.38 2.80 -2.38
C LYS A 13 -3.46 3.97 -2.01
N ASN A 14 -4.04 4.95 -1.31
CA ASN A 14 -3.41 6.22 -0.97
C ASN A 14 -2.66 6.14 0.37
N GLU A 15 -3.02 5.19 1.26
CA GLU A 15 -2.46 5.05 2.59
C GLU A 15 -0.96 4.76 2.58
N CYS A 16 -0.51 3.84 1.70
CA CYS A 16 0.85 3.32 1.68
C CYS A 16 1.90 4.43 1.58
N CYS A 17 3.01 4.26 2.34
CA CYS A 17 4.09 5.24 2.50
C CYS A 17 4.84 5.53 1.19
N SER A 18 5.82 6.44 1.27
CA SER A 18 6.67 6.85 0.17
C SER A 18 7.50 5.68 -0.36
N GLY A 19 7.21 5.27 -1.60
CA GLY A 19 7.85 4.18 -2.31
C GLY A 19 7.00 2.89 -2.30
N LEU A 20 5.69 3.03 -2.10
CA LEU A 20 4.71 1.95 -2.03
C LEU A 20 3.42 2.36 -2.75
N THR A 21 2.62 1.35 -3.09
CA THR A 21 1.32 1.48 -3.73
C THR A 21 0.52 0.20 -3.45
N CYS A 22 -0.73 0.33 -3.03
CA CYS A 22 -1.52 -0.83 -2.65
C CYS A 22 -2.00 -1.59 -3.89
N SER A 23 -1.79 -2.92 -3.86
CA SER A 23 -2.29 -3.87 -4.85
C SER A 23 -3.83 -3.83 -4.92
N ASN A 24 -4.36 -4.08 -6.13
CA ASN A 24 -5.78 -4.30 -6.36
C ASN A 24 -6.22 -5.65 -5.78
N LYS A 25 -5.47 -6.72 -6.09
CA LYS A 25 -5.83 -8.10 -5.79
C LYS A 25 -5.50 -8.44 -4.33
N HIS A 26 -4.20 -8.41 -3.97
CA HIS A 26 -3.69 -8.74 -2.64
C HIS A 26 -4.20 -7.78 -1.56
N LYS A 27 -4.51 -6.53 -1.94
CA LYS A 27 -4.90 -5.43 -1.07
C LYS A 27 -3.93 -5.25 0.11
N TRP A 28 -2.63 -5.14 -0.22
CA TRP A 28 -1.57 -4.73 0.68
C TRP A 28 -0.57 -3.82 -0.05
N CYS A 29 0.22 -3.07 0.73
CA CYS A 29 1.25 -2.20 0.19
C CYS A 29 2.38 -3.02 -0.43
N LYS A 30 2.78 -2.64 -1.65
CA LYS A 30 3.88 -3.27 -2.39
C LYS A 30 4.65 -2.21 -3.19
N VAL A 31 5.96 -2.46 -3.35
CA VAL A 31 6.95 -1.47 -3.75
C VAL A 31 6.65 -0.90 -5.14
N LEU A 32 6.32 0.40 -5.17
CA LEU A 32 6.10 1.20 -6.38
C LEU A 32 7.37 1.25 -7.22
N LEU A 33 8.46 1.68 -6.58
CA LEU A 33 9.76 1.93 -7.19
C LEU A 33 10.50 0.62 -7.50
N NH2 A 34 11.31 0.65 -8.56
HN1 NH2 A 34 11.43 1.49 -9.10
HN2 NH2 A 34 11.84 -0.18 -8.80
N GLU A 1 0.40 7.17 11.02
CA GLU A 1 1.47 7.00 10.01
C GLU A 1 0.98 6.23 8.78
N CYS A 2 1.71 6.39 7.67
CA CYS A 2 1.51 5.66 6.43
C CYS A 2 1.71 4.14 6.63
N LYS A 3 0.98 3.35 5.84
CA LYS A 3 1.02 1.89 5.89
C LYS A 3 2.28 1.39 5.17
N GLY A 4 3.15 0.71 5.92
CA GLY A 4 4.40 0.13 5.43
C GLY A 4 4.16 -1.09 4.55
N PHE A 5 5.27 -1.63 4.02
CA PHE A 5 5.31 -2.71 3.06
C PHE A 5 4.70 -3.99 3.64
N GLY A 6 3.62 -4.45 3.00
CA GLY A 6 2.89 -5.65 3.35
C GLY A 6 1.88 -5.42 4.48
N LYS A 7 1.21 -4.25 4.49
CA LYS A 7 0.10 -3.94 5.39
C LYS A 7 -1.14 -3.58 4.59
N SER A 8 -2.29 -4.07 5.08
CA SER A 8 -3.61 -3.93 4.46
C SER A 8 -4.00 -2.46 4.39
N CYS A 9 -4.21 -1.98 3.16
CA CYS A 9 -4.49 -0.58 2.86
C CYS A 9 -5.99 -0.25 2.95
N VAL A 10 -6.27 1.06 2.87
CA VAL A 10 -7.54 1.60 2.38
C VAL A 10 -7.59 1.33 0.87
N PRO A 11 -8.69 0.75 0.33
CA PRO A 11 -8.85 0.51 -1.10
C PRO A 11 -9.07 1.84 -1.85
N GLY A 12 -7.94 2.45 -2.21
CA GLY A 12 -7.83 3.74 -2.89
C GLY A 12 -6.43 4.36 -2.78
N LYS A 13 -5.42 3.60 -2.33
CA LYS A 13 -4.02 3.99 -2.14
C LYS A 13 -3.88 5.23 -1.24
N ASN A 14 -4.81 5.40 -0.29
CA ASN A 14 -4.89 6.55 0.60
C ASN A 14 -3.82 6.52 1.71
N GLU A 15 -3.23 5.35 1.97
CA GLU A 15 -2.41 5.09 3.16
C GLU A 15 -0.94 4.82 2.83
N CYS A 16 -0.65 3.99 1.81
CA CYS A 16 0.67 3.41 1.60
C CYS A 16 1.78 4.48 1.46
N CYS A 17 2.92 4.24 2.11
CA CYS A 17 4.06 5.16 2.21
C CYS A 17 4.70 5.49 0.85
N SER A 18 5.66 6.42 0.88
CA SER A 18 6.47 6.83 -0.27
C SER A 18 7.37 5.67 -0.71
N GLY A 19 7.04 5.08 -1.87
CA GLY A 19 7.70 3.93 -2.47
C GLY A 19 6.85 2.66 -2.35
N LEU A 20 5.52 2.83 -2.19
CA LEU A 20 4.52 1.77 -2.12
C LEU A 20 3.26 2.18 -2.89
N THR A 21 2.45 1.18 -3.21
CA THR A 21 1.21 1.29 -3.98
C THR A 21 0.36 0.04 -3.68
N CYS A 22 -0.91 0.24 -3.31
CA CYS A 22 -1.75 -0.87 -2.89
C CYS A 22 -2.19 -1.71 -4.09
N SER A 23 -1.88 -3.01 -4.02
CA SER A 23 -2.29 -4.05 -4.95
C SER A 23 -3.82 -4.17 -5.01
N ASN A 24 -4.33 -4.57 -6.18
CA ASN A 24 -5.70 -5.03 -6.35
C ASN A 24 -5.85 -6.45 -5.78
N LYS A 25 -4.99 -7.38 -6.22
CA LYS A 25 -5.07 -8.81 -5.95
C LYS A 25 -4.83 -9.12 -4.47
N HIS A 26 -3.63 -8.80 -3.96
CA HIS A 26 -3.22 -9.02 -2.57
C HIS A 26 -3.97 -8.11 -1.58
N LYS A 27 -4.41 -6.93 -2.04
CA LYS A 27 -4.99 -5.85 -1.24
C LYS A 27 -4.10 -5.49 -0.05
N TRP A 28 -2.82 -5.19 -0.35
CA TRP A 28 -1.85 -4.64 0.59
C TRP A 28 -0.85 -3.74 -0.13
N CYS A 29 -0.11 -2.94 0.65
CA CYS A 29 0.96 -2.08 0.14
C CYS A 29 2.11 -2.94 -0.40
N LYS A 30 2.56 -2.63 -1.62
CA LYS A 30 3.70 -3.29 -2.28
C LYS A 30 4.50 -2.29 -3.12
N VAL A 31 5.78 -2.59 -3.31
CA VAL A 31 6.81 -1.67 -3.77
C VAL A 31 6.48 -1.02 -5.12
N LEU A 32 6.20 0.29 -5.09
CA LEU A 32 6.22 1.17 -6.25
C LEU A 32 7.66 1.40 -6.67
N LEU A 33 8.44 1.98 -5.75
CA LEU A 33 9.81 2.43 -5.93
C LEU A 33 10.66 1.86 -4.79
N NH2 A 34 11.59 0.96 -5.13
HN1 NH2 A 34 11.72 0.71 -6.09
HN2 NH2 A 34 12.18 0.55 -4.42
N GLU A 1 -0.48 7.86 10.25
CA GLU A 1 0.52 6.76 10.20
C GLU A 1 0.32 5.93 8.94
N CYS A 2 1.20 6.14 7.95
CA CYS A 2 1.16 5.45 6.67
C CYS A 2 1.43 3.95 6.82
N LYS A 3 0.82 3.16 5.93
CA LYS A 3 0.90 1.71 5.91
C LYS A 3 2.18 1.28 5.19
N GLY A 4 3.10 0.66 5.93
CA GLY A 4 4.37 0.15 5.42
C GLY A 4 4.18 -1.04 4.49
N PHE A 5 5.29 -1.52 3.93
CA PHE A 5 5.37 -2.60 2.98
C PHE A 5 4.82 -3.90 3.58
N GLY A 6 3.79 -4.45 2.93
CA GLY A 6 3.12 -5.67 3.32
C GLY A 6 2.12 -5.46 4.46
N LYS A 7 1.42 -4.32 4.46
CA LYS A 7 0.35 -4.01 5.41
C LYS A 7 -0.93 -3.62 4.68
N SER A 8 -2.06 -4.05 5.24
CA SER A 8 -3.40 -3.87 4.69
C SER A 8 -3.74 -2.38 4.58
N CYS A 9 -4.25 -1.99 3.40
CA CYS A 9 -4.45 -0.60 3.01
C CYS A 9 -5.93 -0.20 2.96
N VAL A 10 -6.13 1.11 2.72
CA VAL A 10 -7.36 1.68 2.19
C VAL A 10 -7.44 1.31 0.70
N PRO A 11 -8.60 0.82 0.19
CA PRO A 11 -8.79 0.52 -1.23
C PRO A 11 -8.92 1.80 -2.06
N GLY A 12 -7.74 2.34 -2.41
CA GLY A 12 -7.55 3.50 -3.28
C GLY A 12 -6.14 4.11 -3.14
N LYS A 13 -5.16 3.35 -2.63
CA LYS A 13 -3.76 3.73 -2.38
C LYS A 13 -3.64 5.05 -1.61
N ASN A 14 -4.59 5.32 -0.69
CA ASN A 14 -4.69 6.57 0.05
C ASN A 14 -3.78 6.61 1.29
N GLU A 15 -3.21 5.45 1.70
CA GLU A 15 -2.58 5.27 3.00
C GLU A 15 -1.14 4.73 2.92
N CYS A 16 -0.77 3.97 1.87
CA CYS A 16 0.56 3.38 1.75
C CYS A 16 1.66 4.45 1.73
N CYS A 17 2.77 4.16 2.43
CA CYS A 17 3.93 5.05 2.58
C CYS A 17 4.63 5.36 1.26
N SER A 18 5.60 6.30 1.32
CA SER A 18 6.41 6.74 0.19
C SER A 18 7.23 5.60 -0.42
N GLY A 19 6.96 5.31 -1.69
CA GLY A 19 7.63 4.29 -2.50
C GLY A 19 6.80 3.01 -2.64
N LEU A 20 5.51 3.07 -2.29
CA LEU A 20 4.57 1.94 -2.26
C LEU A 20 3.30 2.29 -3.04
N THR A 21 2.52 1.25 -3.35
CA THR A 21 1.23 1.32 -4.02
C THR A 21 0.45 0.05 -3.67
N CYS A 22 -0.81 0.21 -3.24
CA CYS A 22 -1.62 -0.93 -2.82
C CYS A 22 -2.09 -1.75 -4.02
N SER A 23 -1.86 -3.07 -3.95
CA SER A 23 -2.37 -4.07 -4.87
C SER A 23 -3.90 -4.10 -4.89
N ASN A 24 -4.48 -4.44 -6.05
CA ASN A 24 -5.89 -4.76 -6.19
C ASN A 24 -6.17 -6.15 -5.59
N LYS A 25 -5.41 -7.16 -6.04
CA LYS A 25 -5.59 -8.57 -5.70
C LYS A 25 -5.31 -8.83 -4.21
N HIS A 26 -4.06 -8.59 -3.79
CA HIS A 26 -3.57 -8.88 -2.43
C HIS A 26 -4.12 -7.90 -1.39
N LYS A 27 -4.51 -6.69 -1.83
CA LYS A 27 -4.95 -5.56 -1.01
C LYS A 27 -3.98 -5.29 0.15
N TRP A 28 -2.69 -5.16 -0.19
CA TRP A 28 -1.64 -4.69 0.71
C TRP A 28 -0.64 -3.81 -0.05
N CYS A 29 0.10 -2.98 0.69
CA CYS A 29 1.10 -2.09 0.14
C CYS A 29 2.28 -2.90 -0.42
N LYS A 30 2.69 -2.58 -1.66
CA LYS A 30 3.80 -3.23 -2.34
C LYS A 30 4.59 -2.23 -3.18
N VAL A 31 5.91 -2.48 -3.27
CA VAL A 31 6.91 -1.54 -3.76
C VAL A 31 6.65 -1.12 -5.21
N LEU A 32 6.29 0.16 -5.39
CA LEU A 32 6.26 0.83 -6.68
C LEU A 32 7.69 1.08 -7.17
N LEU A 33 8.44 1.83 -6.35
CA LEU A 33 9.79 2.32 -6.64
C LEU A 33 10.80 1.54 -5.80
N NH2 A 34 11.53 0.62 -6.44
HN1 NH2 A 34 11.40 0.47 -7.43
HN2 NH2 A 34 12.21 0.07 -5.94
N GLU A 1 1.45 7.06 10.44
CA GLU A 1 0.19 7.26 9.70
C GLU A 1 0.09 6.29 8.52
N CYS A 2 1.03 6.43 7.58
CA CYS A 2 1.09 5.65 6.35
C CYS A 2 1.36 4.16 6.63
N LYS A 3 0.76 3.30 5.81
CA LYS A 3 0.90 1.85 5.91
C LYS A 3 2.22 1.42 5.29
N GLY A 4 3.05 0.71 6.08
CA GLY A 4 4.33 0.17 5.66
C GLY A 4 4.17 -1.01 4.70
N PHE A 5 5.29 -1.46 4.15
CA PHE A 5 5.41 -2.52 3.18
C PHE A 5 4.86 -3.84 3.73
N GLY A 6 3.85 -4.37 3.02
CA GLY A 6 3.17 -5.61 3.35
C GLY A 6 2.15 -5.44 4.49
N LYS A 7 1.40 -4.32 4.49
CA LYS A 7 0.32 -4.06 5.44
C LYS A 7 -0.96 -3.66 4.70
N SER A 8 -2.09 -4.14 5.23
CA SER A 8 -3.42 -3.99 4.65
C SER A 8 -3.83 -2.52 4.60
N CYS A 9 -4.27 -2.08 3.42
CA CYS A 9 -4.51 -0.67 3.09
C CYS A 9 -6.00 -0.33 3.04
N VAL A 10 -6.25 0.99 2.88
CA VAL A 10 -7.49 1.54 2.34
C VAL A 10 -7.55 1.18 0.85
N PRO A 11 -8.68 0.63 0.34
CA PRO A 11 -8.87 0.34 -1.08
C PRO A 11 -9.04 1.64 -1.88
N GLY A 12 -7.89 2.19 -2.29
CA GLY A 12 -7.74 3.42 -3.06
C GLY A 12 -6.32 4.00 -2.99
N LYS A 13 -5.33 3.24 -2.50
CA LYS A 13 -3.92 3.61 -2.38
C LYS A 13 -3.70 4.88 -1.55
N ASN A 14 -4.63 5.17 -0.62
CA ASN A 14 -4.65 6.39 0.16
C ASN A 14 -3.68 6.36 1.35
N GLU A 15 -3.23 5.17 1.78
CA GLU A 15 -2.43 4.97 2.97
C GLU A 15 -0.93 4.85 2.66
N CYS A 16 -0.56 3.92 1.76
CA CYS A 16 0.79 3.37 1.67
C CYS A 16 1.89 4.44 1.55
N CYS A 17 2.98 4.25 2.30
CA CYS A 17 4.09 5.20 2.47
C CYS A 17 4.83 5.49 1.15
N SER A 18 5.79 6.43 1.22
CA SER A 18 6.64 6.83 0.11
C SER A 18 7.49 5.66 -0.40
N GLY A 19 7.21 5.25 -1.64
CA GLY A 19 7.86 4.14 -2.33
C GLY A 19 7.01 2.86 -2.33
N LEU A 20 5.69 3.01 -2.11
CA LEU A 20 4.72 1.92 -2.05
C LEU A 20 3.43 2.34 -2.76
N THR A 21 2.67 1.32 -3.16
CA THR A 21 1.36 1.41 -3.81
C THR A 21 0.57 0.14 -3.47
N CYS A 22 -0.69 0.31 -3.05
CA CYS A 22 -1.52 -0.83 -2.66
C CYS A 22 -1.99 -1.62 -3.88
N SER A 23 -1.70 -2.93 -3.85
CA SER A 23 -2.16 -3.92 -4.81
C SER A 23 -3.70 -3.94 -4.88
N ASN A 24 -4.23 -4.07 -6.09
CA ASN A 24 -5.65 -4.30 -6.33
C ASN A 24 -6.05 -5.72 -5.86
N LYS A 25 -5.25 -6.72 -6.23
CA LYS A 25 -5.54 -8.14 -6.00
C LYS A 25 -5.27 -8.52 -4.54
N HIS A 26 -4.00 -8.46 -4.11
CA HIS A 26 -3.55 -8.86 -2.77
C HIS A 26 -4.16 -7.97 -1.68
N LYS A 27 -4.41 -6.68 -1.99
CA LYS A 27 -4.88 -5.65 -1.08
C LYS A 27 -3.95 -5.47 0.12
N TRP A 28 -2.67 -5.21 -0.18
CA TRP A 28 -1.66 -4.71 0.75
C TRP A 28 -0.66 -3.81 0.04
N CYS A 29 0.10 -3.02 0.81
CA CYS A 29 1.16 -2.17 0.27
C CYS A 29 2.28 -3.03 -0.31
N LYS A 30 2.73 -2.68 -1.51
CA LYS A 30 3.86 -3.31 -2.19
C LYS A 30 4.64 -2.28 -3.01
N VAL A 31 5.90 -2.60 -3.31
CA VAL A 31 6.90 -1.66 -3.82
C VAL A 31 6.44 -1.04 -5.16
N LEU A 32 6.29 0.29 -5.16
CA LEU A 32 5.94 1.12 -6.30
C LEU A 32 6.90 0.88 -7.47
N LEU A 33 8.20 0.97 -7.18
CA LEU A 33 9.29 0.70 -8.11
C LEU A 33 9.30 -0.79 -8.45
N NH2 A 34 9.11 -1.12 -9.73
HN1 NH2 A 34 8.97 -0.38 -10.42
HN2 NH2 A 34 9.11 -2.08 -10.01
N GLU A 1 0.46 9.14 9.48
CA GLU A 1 0.28 7.67 9.53
C GLU A 1 0.16 7.11 8.12
N CYS A 2 1.09 6.21 7.76
CA CYS A 2 1.11 5.48 6.50
C CYS A 2 1.35 3.99 6.74
N LYS A 3 0.88 3.17 5.80
CA LYS A 3 0.91 1.72 5.84
C LYS A 3 2.17 1.21 5.13
N GLY A 4 3.06 0.54 5.88
CA GLY A 4 4.34 0.04 5.39
C GLY A 4 4.18 -1.16 4.45
N PHE A 5 5.31 -1.63 3.92
CA PHE A 5 5.41 -2.72 2.97
C PHE A 5 4.90 -4.03 3.59
N GLY A 6 3.83 -4.58 2.99
CA GLY A 6 3.18 -5.79 3.43
C GLY A 6 2.20 -5.54 4.57
N LYS A 7 1.48 -4.40 4.53
CA LYS A 7 0.45 -4.03 5.49
C LYS A 7 -0.82 -3.60 4.72
N SER A 8 -1.97 -4.11 5.20
CA SER A 8 -3.28 -3.94 4.58
C SER A 8 -3.65 -2.46 4.49
N CYS A 9 -3.94 -2.01 3.26
CA CYS A 9 -4.22 -0.62 2.92
C CYS A 9 -5.70 -0.26 3.07
N VAL A 10 -5.97 1.05 2.92
CA VAL A 10 -7.26 1.59 2.51
C VAL A 10 -7.42 1.30 1.01
N PRO A 11 -8.55 0.71 0.56
CA PRO A 11 -8.82 0.47 -0.86
C PRO A 11 -9.02 1.80 -1.59
N GLY A 12 -7.92 2.29 -2.18
CA GLY A 12 -7.81 3.57 -2.84
C GLY A 12 -6.36 4.02 -3.06
N LYS A 13 -5.38 3.31 -2.46
CA LYS A 13 -3.96 3.66 -2.41
C LYS A 13 -3.76 4.99 -1.66
N ASN A 14 -4.65 5.26 -0.70
CA ASN A 14 -4.73 6.53 0.04
C ASN A 14 -3.70 6.62 1.16
N GLU A 15 -3.19 5.46 1.65
CA GLU A 15 -2.45 5.39 2.91
C GLU A 15 -1.06 4.77 2.79
N CYS A 16 -0.75 3.98 1.76
CA CYS A 16 0.56 3.34 1.62
C CYS A 16 1.70 4.38 1.61
N CYS A 17 2.77 4.11 2.37
CA CYS A 17 3.93 4.98 2.56
C CYS A 17 4.65 5.30 1.24
N SER A 18 5.53 6.31 1.28
CA SER A 18 6.31 6.79 0.15
C SER A 18 7.21 5.69 -0.43
N GLY A 19 6.91 5.29 -1.68
CA GLY A 19 7.62 4.27 -2.44
C GLY A 19 6.85 2.94 -2.52
N LEU A 20 5.54 2.97 -2.23
CA LEU A 20 4.63 1.83 -2.22
C LEU A 20 3.36 2.16 -3.03
N THR A 21 2.55 1.12 -3.25
CA THR A 21 1.27 1.17 -3.95
C THR A 21 0.46 -0.07 -3.57
N CYS A 22 -0.81 0.11 -3.18
CA CYS A 22 -1.65 -1.01 -2.80
C CYS A 22 -2.09 -1.82 -4.02
N SER A 23 -1.73 -3.11 -4.02
CA SER A 23 -2.24 -4.09 -4.97
C SER A 23 -3.76 -4.15 -4.91
N ASN A 24 -4.41 -4.13 -6.06
CA ASN A 24 -5.86 -4.34 -6.18
C ASN A 24 -6.23 -5.79 -5.83
N LYS A 25 -5.38 -6.75 -6.22
CA LYS A 25 -5.57 -8.18 -6.00
C LYS A 25 -5.29 -8.54 -4.53
N HIS A 26 -4.01 -8.46 -4.11
CA HIS A 26 -3.52 -8.88 -2.80
C HIS A 26 -4.05 -7.99 -1.66
N LYS A 27 -4.45 -6.76 -1.97
CA LYS A 27 -5.00 -5.76 -1.04
C LYS A 27 -4.06 -5.48 0.14
N TRP A 28 -2.78 -5.25 -0.19
CA TRP A 28 -1.78 -4.71 0.73
C TRP A 28 -0.77 -3.85 -0.03
N CYS A 29 -0.03 -3.00 0.71
CA CYS A 29 1.00 -2.14 0.17
C CYS A 29 2.20 -2.98 -0.30
N LYS A 30 2.71 -2.64 -1.49
CA LYS A 30 3.88 -3.28 -2.09
C LYS A 30 4.65 -2.31 -2.98
N VAL A 31 5.96 -2.53 -3.08
CA VAL A 31 6.95 -1.59 -3.61
C VAL A 31 6.62 -1.15 -5.05
N LEU A 32 6.29 0.14 -5.16
CA LEU A 32 6.20 0.88 -6.43
C LEU A 32 7.61 1.08 -7.00
N LEU A 33 8.44 1.78 -6.23
CA LEU A 33 9.77 2.25 -6.61
C LEU A 33 10.82 1.20 -6.25
N NH2 A 34 11.18 0.36 -7.22
HN1 NH2 A 34 10.76 0.42 -8.13
HN2 NH2 A 34 11.87 -0.36 -7.03
#